data_1QXB
# 
_entry.id   1QXB 
# 
_audit_conform.dict_name       mmcif_pdbx.dic 
_audit_conform.dict_version    5.391 
_audit_conform.dict_location   http://mmcif.pdb.org/dictionaries/ascii/mmcif_pdbx.dic 
# 
loop_
_database_2.database_id 
_database_2.database_code 
_database_2.pdbx_database_accession 
_database_2.pdbx_DOI 
PDB   1QXB         pdb_00001qxb 10.2210/pdb1qxb/pdb 
RCSB  RCSB020181   ?            ?                   
WWPDB D_1000020181 ?            ?                   
# 
loop_
_pdbx_audit_revision_history.ordinal 
_pdbx_audit_revision_history.data_content_type 
_pdbx_audit_revision_history.major_revision 
_pdbx_audit_revision_history.minor_revision 
_pdbx_audit_revision_history.revision_date 
1 'Structure model' 1 0 2004-02-03 
2 'Structure model' 1 1 2008-04-29 
3 'Structure model' 1 2 2011-07-13 
4 'Structure model' 2 0 2020-07-29 
5 'Structure model' 2 1 2024-05-01 
# 
loop_
_pdbx_audit_revision_details.ordinal 
_pdbx_audit_revision_details.revision_ordinal 
_pdbx_audit_revision_details.data_content_type 
_pdbx_audit_revision_details.provider 
_pdbx_audit_revision_details.type 
_pdbx_audit_revision_details.description 
_pdbx_audit_revision_details.details 
1 1 'Structure model' repository 'Initial release' ?                          ? 
2 4 'Structure model' repository Remediation       'Carbohydrate remediation' ? 
# 
loop_
_pdbx_audit_revision_group.ordinal 
_pdbx_audit_revision_group.revision_ordinal 
_pdbx_audit_revision_group.data_content_type 
_pdbx_audit_revision_group.group 
1 2 'Structure model' 'Version format compliance' 
2 3 'Structure model' 'Version format compliance' 
3 4 'Structure model' 'Atomic model'              
4 4 'Structure model' 'Data collection'           
5 4 'Structure model' 'Derived calculations'      
6 4 'Structure model' 'Structure summary'         
7 5 'Structure model' 'Data collection'           
8 5 'Structure model' 'Database references'       
9 5 'Structure model' 'Structure summary'         
# 
loop_
_pdbx_audit_revision_category.ordinal 
_pdbx_audit_revision_category.revision_ordinal 
_pdbx_audit_revision_category.data_content_type 
_pdbx_audit_revision_category.category 
1  4 'Structure model' atom_site                 
2  4 'Structure model' chem_comp                 
3  4 'Structure model' entity                    
4  4 'Structure model' pdbx_chem_comp_identifier 
5  4 'Structure model' pdbx_entity_nonpoly       
6  4 'Structure model' pdbx_nmr_software         
7  4 'Structure model' pdbx_struct_assembly      
8  4 'Structure model' pdbx_struct_oper_list     
9  4 'Structure model' struct_site               
10 4 'Structure model' struct_site_gen           
11 5 'Structure model' chem_comp                 
12 5 'Structure model' chem_comp_atom            
13 5 'Structure model' chem_comp_bond            
14 5 'Structure model' database_2                
# 
loop_
_pdbx_audit_revision_item.ordinal 
_pdbx_audit_revision_item.revision_ordinal 
_pdbx_audit_revision_item.data_content_type 
_pdbx_audit_revision_item.item 
1  4 'Structure model' '_atom_site.auth_atom_id'             
2  4 'Structure model' '_atom_site.label_atom_id'            
3  4 'Structure model' '_chem_comp.name'                     
4  4 'Structure model' '_chem_comp.type'                     
5  4 'Structure model' '_entity.pdbx_description'            
6  4 'Structure model' '_pdbx_entity_nonpoly.name'           
7  4 'Structure model' '_pdbx_nmr_software.name'             
8  5 'Structure model' '_chem_comp.pdbx_synonyms'            
9  5 'Structure model' '_database_2.pdbx_DOI'                
10 5 'Structure model' '_database_2.pdbx_database_accession' 
# 
_pdbx_database_status.status_code                     REL 
_pdbx_database_status.entry_id                        1QXB 
_pdbx_database_status.recvd_initial_deposition_date   2003-09-05 
_pdbx_database_status.deposit_site                    RCSB 
_pdbx_database_status.process_site                    RCSB 
_pdbx_database_status.status_code_mr                  REL 
_pdbx_database_status.SG_entry                        . 
_pdbx_database_status.status_code_sf                  ? 
_pdbx_database_status.pdb_format_compatible           Y 
_pdbx_database_status.status_code_cs                  ? 
_pdbx_database_status.status_code_nmr_data            ? 
_pdbx_database_status.methods_development_category    ? 
# 
loop_
_audit_author.name 
_audit_author.pdbx_ordinal 
'Nauwelaerts, K.'  1  
'Vastmans, K.'     2  
'Froeyen, M.'      3  
'Kempeneers, V.'   4  
'Rozenski, J.'     5  
'Rosemeyer, H.'    6  
'Van Aerschot, A.' 7  
'Busson, R.'       8  
'Efimtseva, E.'    9  
'Mikhailov, S.'    10 
'Lescrinier, E.'   11 
'Herdewijn, P.'    12 
# 
_citation.id                        primary 
_citation.title                     
'Cleavage of DNA without loss of genetic information by incorporation of a disaccharide nucleoside.' 
_citation.journal_abbrev            'Nucleic Acids Res.' 
_citation.journal_volume            31 
_citation.page_first                6758 
_citation.page_last                 6769 
_citation.year                      2003 
_citation.journal_id_ASTM           NARHAD 
_citation.country                   UK 
_citation.journal_id_ISSN           0305-1048 
_citation.journal_id_CSD            0389 
_citation.book_publisher            ? 
_citation.pdbx_database_id_PubMed   14627809 
_citation.pdbx_database_id_DOI      10.1093/nar/gkg911 
# 
loop_
_citation_author.citation_id 
_citation_author.name 
_citation_author.ordinal 
_citation_author.identifier_ORCID 
primary 'Nauwelaerts, K.'  1  ? 
primary 'Vastmans, K.'     2  ? 
primary 'Froeyen, M.'      3  ? 
primary 'Kempeneers, V.'   4  ? 
primary 'Rozenski, J.'     5  ? 
primary 'Rosemeyer, H.'    6  ? 
primary 'Van Aerschot, A.' 7  ? 
primary 'Busson, R.'       8  ? 
primary 'Lacey, J.C.'      9  ? 
primary 'Efimtseva, E.'    10 ? 
primary 'Mikhailov, S.'    11 ? 
primary 'Lescrinier, E.'   12 ? 
primary 'Herdewijn, P.'    13 ? 
# 
loop_
_entity.id 
_entity.type 
_entity.src_method 
_entity.pdbx_description 
_entity.formula_weight 
_entity.pdbx_number_of_molecules 
_entity.pdbx_ec 
_entity.pdbx_mutation 
_entity.pdbx_fragment 
_entity.details 
1 polymer     syn "5'-d(CpGpCpGpApApTpTpCpGpCpG)-3'" 3663.392 2 ? ? ? ? 
2 non-polymer man beta-D-ribofuranose                150.130  2 ? ? ? ? 
# 
_entity_poly.entity_id                      1 
_entity_poly.type                           polydeoxyribonucleotide 
_entity_poly.nstd_linkage                   no 
_entity_poly.nstd_monomer                   no 
_entity_poly.pdbx_seq_one_letter_code       '(DC)(DG)(DC)(DG)(DA)(DA)(DT)(DT)(DC)(DG)(DC)(DG)' 
_entity_poly.pdbx_seq_one_letter_code_can   CGCGAATTCGCG 
_entity_poly.pdbx_strand_id                 A,B 
_entity_poly.pdbx_target_identifier         ? 
# 
_pdbx_entity_nonpoly.entity_id   2 
_pdbx_entity_nonpoly.name        beta-D-ribofuranose 
_pdbx_entity_nonpoly.comp_id     BDR 
# 
loop_
_entity_poly_seq.entity_id 
_entity_poly_seq.num 
_entity_poly_seq.mon_id 
_entity_poly_seq.hetero 
1 1  DC n 
1 2  DG n 
1 3  DC n 
1 4  DG n 
1 5  DA n 
1 6  DA n 
1 7  DT n 
1 8  DT n 
1 9  DC n 
1 10 DG n 
1 11 DC n 
1 12 DG n 
# 
loop_
_chem_comp.id 
_chem_comp.type 
_chem_comp.mon_nstd_flag 
_chem_comp.name 
_chem_comp.pdbx_synonyms 
_chem_comp.formula 
_chem_comp.formula_weight 
BDR 'D-saccharide, beta linking' . beta-D-ribofuranose                  'beta-D-ribose; D-ribose; ribose; BETA-D-RIBOFURANOSYL' 
'C5 H10 O5'       150.130 
DA  'DNA linking'                y "2'-DEOXYADENOSINE-5'-MONOPHOSPHATE" ?                                                       
'C10 H14 N5 O6 P' 331.222 
DC  'DNA linking'                y "2'-DEOXYCYTIDINE-5'-MONOPHOSPHATE"  ?                                                       
'C9 H14 N3 O7 P'  307.197 
DG  'DNA linking'                y "2'-DEOXYGUANOSINE-5'-MONOPHOSPHATE" ?                                                       
'C10 H14 N5 O7 P' 347.221 
DT  'DNA linking'                y "THYMIDINE-5'-MONOPHOSPHATE"         ?                                                       
'C10 H15 N2 O8 P' 322.208 
# 
loop_
_pdbx_chem_comp_identifier.comp_id 
_pdbx_chem_comp_identifier.type 
_pdbx_chem_comp_identifier.program 
_pdbx_chem_comp_identifier.program_version 
_pdbx_chem_comp_identifier.identifier 
BDR 'CONDENSED IUPAC CARBOHYDRATE SYMBOL' GMML     1.0 DRibfb           
BDR 'COMMON NAME'                         GMML     1.0 b-D-ribofuranose 
BDR 'IUPAC CARBOHYDRATE SYMBOL'           PDB-CARE 1.0 b-D-Ribf         
BDR 'SNFG CARBOHYDRATE SYMBOL'            GMML     1.0 Rib              
# 
loop_
_pdbx_poly_seq_scheme.asym_id 
_pdbx_poly_seq_scheme.entity_id 
_pdbx_poly_seq_scheme.seq_id 
_pdbx_poly_seq_scheme.mon_id 
_pdbx_poly_seq_scheme.ndb_seq_num 
_pdbx_poly_seq_scheme.pdb_seq_num 
_pdbx_poly_seq_scheme.auth_seq_num 
_pdbx_poly_seq_scheme.pdb_mon_id 
_pdbx_poly_seq_scheme.auth_mon_id 
_pdbx_poly_seq_scheme.pdb_strand_id 
_pdbx_poly_seq_scheme.pdb_ins_code 
_pdbx_poly_seq_scheme.hetero 
A 1 1  DC 1  1  1  DC DC A . n 
A 1 2  DG 2  2  2  DG DG A . n 
A 1 3  DC 3  3  3  DC DC A . n 
A 1 4  DG 4  4  4  DG DG A . n 
A 1 5  DA 5  5  5  DA DA A . n 
A 1 6  DA 6  6  6  DA DA A . n 
A 1 7  DT 7  7  7  DT DT A . n 
A 1 8  DT 8  8  8  DT DT A . n 
A 1 9  DC 9  9  9  DC DC A . n 
A 1 10 DG 10 10 10 DG DG A . n 
A 1 11 DC 11 11 11 DC DC A . n 
A 1 12 DG 12 12 12 DG DG A . n 
B 1 1  DC 1  13 13 DC DC B . n 
B 1 2  DG 2  14 14 DG DG B . n 
B 1 3  DC 3  15 15 DC DC B . n 
B 1 4  DG 4  16 16 DG DG B . n 
B 1 5  DA 5  17 17 DA DA B . n 
B 1 6  DA 6  18 18 DA DA B . n 
B 1 7  DT 7  19 19 DT DT B . n 
B 1 8  DT 8  20 20 DT DT B . n 
B 1 9  DC 9  21 21 DC DC B . n 
B 1 10 DG 10 22 22 DG DG B . n 
B 1 11 DC 11 23 23 DC DC B . n 
B 1 12 DG 12 24 24 DG DG B . n 
# 
loop_
_pdbx_nonpoly_scheme.asym_id 
_pdbx_nonpoly_scheme.entity_id 
_pdbx_nonpoly_scheme.mon_id 
_pdbx_nonpoly_scheme.ndb_seq_num 
_pdbx_nonpoly_scheme.pdb_seq_num 
_pdbx_nonpoly_scheme.auth_seq_num 
_pdbx_nonpoly_scheme.pdb_mon_id 
_pdbx_nonpoly_scheme.auth_mon_id 
_pdbx_nonpoly_scheme.pdb_strand_id 
_pdbx_nonpoly_scheme.pdb_ins_code 
C 2 BDR 1 25 25 BDR BDR A . 
D 2 BDR 1 26 26 BDR BDR B . 
# 
loop_
_pdbx_unobs_or_zero_occ_atoms.id 
_pdbx_unobs_or_zero_occ_atoms.PDB_model_num 
_pdbx_unobs_or_zero_occ_atoms.polymer_flag 
_pdbx_unobs_or_zero_occ_atoms.occupancy_flag 
_pdbx_unobs_or_zero_occ_atoms.auth_asym_id 
_pdbx_unobs_or_zero_occ_atoms.auth_comp_id 
_pdbx_unobs_or_zero_occ_atoms.auth_seq_id 
_pdbx_unobs_or_zero_occ_atoms.PDB_ins_code 
_pdbx_unobs_or_zero_occ_atoms.auth_atom_id 
_pdbx_unobs_or_zero_occ_atoms.label_alt_id 
_pdbx_unobs_or_zero_occ_atoms.label_asym_id 
_pdbx_unobs_or_zero_occ_atoms.label_comp_id 
_pdbx_unobs_or_zero_occ_atoms.label_seq_id 
_pdbx_unobs_or_zero_occ_atoms.label_atom_id 
1 1 N 1 A BDR 25 ? O1 ? C BDR 1 O1 
2 1 N 1 B BDR 26 ? O1 ? D BDR 1 O1 
# 
_cell.entry_id           1QXB 
_cell.length_a           1.000 
_cell.length_b           1.000 
_cell.length_c           1.000 
_cell.angle_alpha        90.00 
_cell.angle_beta         90.00 
_cell.angle_gamma        90.00 
_cell.Z_PDB              1 
_cell.pdbx_unique_axis   ? 
# 
_symmetry.entry_id                         1QXB 
_symmetry.space_group_name_H-M             'P 1' 
_symmetry.pdbx_full_space_group_name_H-M   ? 
_symmetry.cell_setting                     ? 
_symmetry.Int_Tables_number                1 
# 
_exptl.entry_id          1QXB 
_exptl.method            'SOLUTION NMR' 
_exptl.crystals_number   ? 
# 
_exptl_crystal.id                    1 
_exptl_crystal.density_meas          ? 
_exptl_crystal.density_Matthews      ? 
_exptl_crystal.density_percent_sol   ? 
_exptl_crystal.description           ? 
# 
_diffrn.id                     1 
_diffrn.ambient_temp           ? 
_diffrn.ambient_temp_details   ? 
_diffrn.crystal_id             1 
# 
_diffrn_radiation.diffrn_id                        1 
_diffrn_radiation.wavelength_id                    1 
_diffrn_radiation.pdbx_monochromatic_or_laue_m_l   M 
_diffrn_radiation.monochromator                    ? 
_diffrn_radiation.pdbx_diffrn_protocol             'SINGLE WAVELENGTH' 
_diffrn_radiation.pdbx_scattering_type             ? 
# 
_diffrn_radiation_wavelength.id           1 
_diffrn_radiation_wavelength.wavelength   . 
_diffrn_radiation_wavelength.wt           1.0 
# 
_struct.entry_id                  1QXB 
_struct.title                     
;NMR structure determination of the self complementary DNA Dodecamer CGCGAATT*CGCG in which a ribose is inserted between the 3'-OH of T8 and the 5'-phosphate group of C9
;
_struct.pdbx_model_details        ? 
_struct.pdbx_CASP_flag            ? 
_struct.pdbx_model_type_details   'minimized average' 
# 
_struct_keywords.entry_id        1QXB 
_struct_keywords.pdbx_keywords   DNA 
_struct_keywords.text            'disaccharide nucleotide, backbone modification, B-helix, ribose, DNA' 
# 
loop_
_struct_asym.id 
_struct_asym.pdbx_blank_PDB_chainid_flag 
_struct_asym.pdbx_modified 
_struct_asym.entity_id 
_struct_asym.details 
A N N 1 ? 
B N N 1 ? 
C N N 2 ? 
D N N 2 ? 
# 
_struct_ref.id                         1 
_struct_ref.entity_id                  1 
_struct_ref.db_name                    PDB 
_struct_ref.db_code                    1QXB 
_struct_ref.pdbx_db_accession          1QXB 
_struct_ref.pdbx_align_begin           ? 
_struct_ref.pdbx_seq_one_letter_code   ? 
_struct_ref.pdbx_db_isoform            ? 
# 
loop_
_struct_ref_seq.align_id 
_struct_ref_seq.ref_id 
_struct_ref_seq.pdbx_PDB_id_code 
_struct_ref_seq.pdbx_strand_id 
_struct_ref_seq.seq_align_beg 
_struct_ref_seq.pdbx_seq_align_beg_ins_code 
_struct_ref_seq.seq_align_end 
_struct_ref_seq.pdbx_seq_align_end_ins_code 
_struct_ref_seq.pdbx_db_accession 
_struct_ref_seq.db_align_beg 
_struct_ref_seq.pdbx_db_align_beg_ins_code 
_struct_ref_seq.db_align_end 
_struct_ref_seq.pdbx_db_align_end_ins_code 
_struct_ref_seq.pdbx_auth_seq_align_beg 
_struct_ref_seq.pdbx_auth_seq_align_end 
1 1 1QXB A 1 ? 12 ? 1QXB 1  ? 12 ? 1  12 
2 1 1QXB B 1 ? 12 ? 1QXB 13 ? 24 ? 13 24 
# 
_pdbx_struct_assembly.id                   1 
_pdbx_struct_assembly.details              author_defined_assembly 
_pdbx_struct_assembly.method_details       ? 
_pdbx_struct_assembly.oligomeric_details   dimeric 
_pdbx_struct_assembly.oligomeric_count     2 
# 
_pdbx_struct_assembly_gen.assembly_id       1 
_pdbx_struct_assembly_gen.oper_expression   1 
_pdbx_struct_assembly_gen.asym_id_list      A,B,C,D 
# 
_pdbx_struct_oper_list.id                   1 
_pdbx_struct_oper_list.type                 'identity operation' 
_pdbx_struct_oper_list.name                 1_555 
_pdbx_struct_oper_list.symmetry_operation   x,y,z 
_pdbx_struct_oper_list.matrix[1][1]         1.0000000000 
_pdbx_struct_oper_list.matrix[1][2]         0.0000000000 
_pdbx_struct_oper_list.matrix[1][3]         0.0000000000 
_pdbx_struct_oper_list.vector[1]            0.0000000000 
_pdbx_struct_oper_list.matrix[2][1]         0.0000000000 
_pdbx_struct_oper_list.matrix[2][2]         1.0000000000 
_pdbx_struct_oper_list.matrix[2][3]         0.0000000000 
_pdbx_struct_oper_list.vector[2]            0.0000000000 
_pdbx_struct_oper_list.matrix[3][1]         0.0000000000 
_pdbx_struct_oper_list.matrix[3][2]         0.0000000000 
_pdbx_struct_oper_list.matrix[3][3]         1.0000000000 
_pdbx_struct_oper_list.vector[3]            0.0000000000 
# 
_struct_biol.id        1 
_struct_biol.details   ? 
# 
loop_
_struct_conn.id 
_struct_conn.conn_type_id 
_struct_conn.pdbx_leaving_atom_flag 
_struct_conn.pdbx_PDB_id 
_struct_conn.ptnr1_label_asym_id 
_struct_conn.ptnr1_label_comp_id 
_struct_conn.ptnr1_label_seq_id 
_struct_conn.ptnr1_label_atom_id 
_struct_conn.pdbx_ptnr1_label_alt_id 
_struct_conn.pdbx_ptnr1_PDB_ins_code 
_struct_conn.pdbx_ptnr1_standard_comp_id 
_struct_conn.ptnr1_symmetry 
_struct_conn.ptnr2_label_asym_id 
_struct_conn.ptnr2_label_comp_id 
_struct_conn.ptnr2_label_seq_id 
_struct_conn.ptnr2_label_atom_id 
_struct_conn.pdbx_ptnr2_label_alt_id 
_struct_conn.pdbx_ptnr2_PDB_ins_code 
_struct_conn.ptnr1_auth_asym_id 
_struct_conn.ptnr1_auth_comp_id 
_struct_conn.ptnr1_auth_seq_id 
_struct_conn.ptnr2_auth_asym_id 
_struct_conn.ptnr2_auth_comp_id 
_struct_conn.ptnr2_auth_seq_id 
_struct_conn.ptnr2_symmetry 
_struct_conn.pdbx_ptnr3_label_atom_id 
_struct_conn.pdbx_ptnr3_label_seq_id 
_struct_conn.pdbx_ptnr3_label_comp_id 
_struct_conn.pdbx_ptnr3_label_asym_id 
_struct_conn.pdbx_ptnr3_label_alt_id 
_struct_conn.pdbx_ptnr3_PDB_ins_code 
_struct_conn.details 
_struct_conn.pdbx_dist_value 
_struct_conn.pdbx_value_order 
_struct_conn.pdbx_role 
hydrog1  hydrog ? ? A DC 1  N3 ? ? ? 1_555 B DG 12 N1 ? ? A DC 1  B DG 24 1_555 ? ? ? ? ? ? WATSON-CRICK ? ? ? 
hydrog2  hydrog ? ? A DC 1  N4 ? ? ? 1_555 B DG 12 O6 ? ? A DC 1  B DG 24 1_555 ? ? ? ? ? ? WATSON-CRICK ? ? ? 
hydrog3  hydrog ? ? A DC 1  O2 ? ? ? 1_555 B DG 12 N2 ? ? A DC 1  B DG 24 1_555 ? ? ? ? ? ? WATSON-CRICK ? ? ? 
hydrog4  hydrog ? ? A DG 2  N1 ? ? ? 1_555 B DC 11 N3 ? ? A DG 2  B DC 23 1_555 ? ? ? ? ? ? WATSON-CRICK ? ? ? 
hydrog5  hydrog ? ? A DG 2  N2 ? ? ? 1_555 B DC 11 O2 ? ? A DG 2  B DC 23 1_555 ? ? ? ? ? ? WATSON-CRICK ? ? ? 
hydrog6  hydrog ? ? A DG 2  O6 ? ? ? 1_555 B DC 11 N4 ? ? A DG 2  B DC 23 1_555 ? ? ? ? ? ? WATSON-CRICK ? ? ? 
hydrog7  hydrog ? ? A DC 3  N3 ? ? ? 1_555 B DG 10 N1 ? ? A DC 3  B DG 22 1_555 ? ? ? ? ? ? WATSON-CRICK ? ? ? 
hydrog8  hydrog ? ? A DC 3  N4 ? ? ? 1_555 B DG 10 O6 ? ? A DC 3  B DG 22 1_555 ? ? ? ? ? ? WATSON-CRICK ? ? ? 
hydrog9  hydrog ? ? A DC 3  O2 ? ? ? 1_555 B DG 10 N2 ? ? A DC 3  B DG 22 1_555 ? ? ? ? ? ? WATSON-CRICK ? ? ? 
hydrog10 hydrog ? ? A DG 4  N1 ? ? ? 1_555 B DC 9  N3 ? ? A DG 4  B DC 21 1_555 ? ? ? ? ? ? WATSON-CRICK ? ? ? 
hydrog11 hydrog ? ? A DG 4  N2 ? ? ? 1_555 B DC 9  O2 ? ? A DG 4  B DC 21 1_555 ? ? ? ? ? ? WATSON-CRICK ? ? ? 
hydrog12 hydrog ? ? A DG 4  O6 ? ? ? 1_555 B DC 9  N4 ? ? A DG 4  B DC 21 1_555 ? ? ? ? ? ? WATSON-CRICK ? ? ? 
hydrog13 hydrog ? ? A DA 5  N1 ? ? ? 1_555 B DT 8  N3 ? ? A DA 5  B DT 20 1_555 ? ? ? ? ? ? WATSON-CRICK ? ? ? 
hydrog14 hydrog ? ? A DA 5  N6 ? ? ? 1_555 B DT 8  O4 ? ? A DA 5  B DT 20 1_555 ? ? ? ? ? ? WATSON-CRICK ? ? ? 
hydrog15 hydrog ? ? A DA 6  N1 ? ? ? 1_555 B DT 7  N3 ? ? A DA 6  B DT 19 1_555 ? ? ? ? ? ? WATSON-CRICK ? ? ? 
hydrog16 hydrog ? ? A DA 6  N6 ? ? ? 1_555 B DT 7  O4 ? ? A DA 6  B DT 19 1_555 ? ? ? ? ? ? WATSON-CRICK ? ? ? 
hydrog17 hydrog ? ? A DT 7  N3 ? ? ? 1_555 B DA 6  N1 ? ? A DT 7  B DA 18 1_555 ? ? ? ? ? ? WATSON-CRICK ? ? ? 
hydrog18 hydrog ? ? A DT 7  O4 ? ? ? 1_555 B DA 6  N6 ? ? A DT 7  B DA 18 1_555 ? ? ? ? ? ? WATSON-CRICK ? ? ? 
hydrog19 hydrog ? ? A DT 8  N3 ? ? ? 1_555 B DA 5  N1 ? ? A DT 8  B DA 17 1_555 ? ? ? ? ? ? WATSON-CRICK ? ? ? 
hydrog20 hydrog ? ? A DT 8  O4 ? ? ? 1_555 B DA 5  N6 ? ? A DT 8  B DA 17 1_555 ? ? ? ? ? ? WATSON-CRICK ? ? ? 
hydrog21 hydrog ? ? A DC 9  N3 ? ? ? 1_555 B DG 4  N1 ? ? A DC 9  B DG 16 1_555 ? ? ? ? ? ? WATSON-CRICK ? ? ? 
hydrog22 hydrog ? ? A DC 9  N4 ? ? ? 1_555 B DG 4  O6 ? ? A DC 9  B DG 16 1_555 ? ? ? ? ? ? WATSON-CRICK ? ? ? 
hydrog23 hydrog ? ? A DC 9  O2 ? ? ? 1_555 B DG 4  N2 ? ? A DC 9  B DG 16 1_555 ? ? ? ? ? ? WATSON-CRICK ? ? ? 
hydrog24 hydrog ? ? A DG 10 N1 ? ? ? 1_555 B DC 3  N3 ? ? A DG 10 B DC 15 1_555 ? ? ? ? ? ? WATSON-CRICK ? ? ? 
hydrog25 hydrog ? ? A DG 10 N2 ? ? ? 1_555 B DC 3  O2 ? ? A DG 10 B DC 15 1_555 ? ? ? ? ? ? WATSON-CRICK ? ? ? 
hydrog26 hydrog ? ? A DG 10 O6 ? ? ? 1_555 B DC 3  N4 ? ? A DG 10 B DC 15 1_555 ? ? ? ? ? ? WATSON-CRICK ? ? ? 
hydrog27 hydrog ? ? A DC 11 N3 ? ? ? 1_555 B DG 2  N1 ? ? A DC 11 B DG 14 1_555 ? ? ? ? ? ? WATSON-CRICK ? ? ? 
hydrog28 hydrog ? ? A DC 11 N4 ? ? ? 1_555 B DG 2  O6 ? ? A DC 11 B DG 14 1_555 ? ? ? ? ? ? WATSON-CRICK ? ? ? 
hydrog29 hydrog ? ? A DC 11 O2 ? ? ? 1_555 B DG 2  N2 ? ? A DC 11 B DG 14 1_555 ? ? ? ? ? ? WATSON-CRICK ? ? ? 
hydrog30 hydrog ? ? A DG 12 N1 ? ? ? 1_555 B DC 1  N3 ? ? A DG 12 B DC 13 1_555 ? ? ? ? ? ? WATSON-CRICK ? ? ? 
hydrog31 hydrog ? ? A DG 12 N2 ? ? ? 1_555 B DC 1  O2 ? ? A DG 12 B DC 13 1_555 ? ? ? ? ? ? WATSON-CRICK ? ? ? 
hydrog32 hydrog ? ? A DG 12 O6 ? ? ? 1_555 B DC 1  N4 ? ? A DG 12 B DC 13 1_555 ? ? ? ? ? ? WATSON-CRICK ? ? ? 
# 
_struct_conn_type.id          hydrog 
_struct_conn_type.criteria    ? 
_struct_conn_type.reference   ? 
# 
loop_
_pdbx_validate_close_contact.id 
_pdbx_validate_close_contact.PDB_model_num 
_pdbx_validate_close_contact.auth_atom_id_1 
_pdbx_validate_close_contact.auth_asym_id_1 
_pdbx_validate_close_contact.auth_comp_id_1 
_pdbx_validate_close_contact.auth_seq_id_1 
_pdbx_validate_close_contact.PDB_ins_code_1 
_pdbx_validate_close_contact.label_alt_id_1 
_pdbx_validate_close_contact.auth_atom_id_2 
_pdbx_validate_close_contact.auth_asym_id_2 
_pdbx_validate_close_contact.auth_comp_id_2 
_pdbx_validate_close_contact.auth_seq_id_2 
_pdbx_validate_close_contact.PDB_ins_code_2 
_pdbx_validate_close_contact.label_alt_id_2 
_pdbx_validate_close_contact.dist 
1 1 "O3'" B DT 20 ? ? C1 B BDR 26 ? ? 1.42 
2 1 "O3'" A DT 8  ? ? C1 A BDR 25 ? ? 1.42 
3 1 P     A DC 9  ? ? O5 A BDR 25 ? ? 1.61 
4 1 P     B DC 21 ? ? O5 B BDR 26 ? ? 1.61 
# 
loop_
_pdbx_validate_rmsd_angle.id 
_pdbx_validate_rmsd_angle.PDB_model_num 
_pdbx_validate_rmsd_angle.auth_atom_id_1 
_pdbx_validate_rmsd_angle.auth_asym_id_1 
_pdbx_validate_rmsd_angle.auth_comp_id_1 
_pdbx_validate_rmsd_angle.auth_seq_id_1 
_pdbx_validate_rmsd_angle.PDB_ins_code_1 
_pdbx_validate_rmsd_angle.label_alt_id_1 
_pdbx_validate_rmsd_angle.auth_atom_id_2 
_pdbx_validate_rmsd_angle.auth_asym_id_2 
_pdbx_validate_rmsd_angle.auth_comp_id_2 
_pdbx_validate_rmsd_angle.auth_seq_id_2 
_pdbx_validate_rmsd_angle.PDB_ins_code_2 
_pdbx_validate_rmsd_angle.label_alt_id_2 
_pdbx_validate_rmsd_angle.auth_atom_id_3 
_pdbx_validate_rmsd_angle.auth_asym_id_3 
_pdbx_validate_rmsd_angle.auth_comp_id_3 
_pdbx_validate_rmsd_angle.auth_seq_id_3 
_pdbx_validate_rmsd_angle.PDB_ins_code_3 
_pdbx_validate_rmsd_angle.label_alt_id_3 
_pdbx_validate_rmsd_angle.angle_value 
_pdbx_validate_rmsd_angle.angle_target_value 
_pdbx_validate_rmsd_angle.angle_deviation 
_pdbx_validate_rmsd_angle.angle_standard_deviation 
_pdbx_validate_rmsd_angle.linker_flag 
1  1 "O4'" A DC 1  ? ? "C1'" A DC 1  ? ? N1 A DC 1  ? ? 110.73 108.30 2.43  0.30 N 
2  1 "O4'" A DG 2  ? ? "C1'" A DG 2  ? ? N9 A DG 2  ? ? 110.74 108.30 2.44  0.30 N 
3  1 N7    A DG 2  ? ? C8    A DG 2  ? ? N9 A DG 2  ? ? 117.63 113.10 4.53  0.50 N 
4  1 C8    A DG 2  ? ? N9    A DG 2  ? ? C4 A DG 2  ? ? 103.79 106.40 -2.61 0.40 N 
5  1 "O4'" A DC 3  ? ? "C1'" A DC 3  ? ? N1 A DC 3  ? ? 110.88 108.30 2.58  0.30 N 
6  1 "O4'" A DG 4  ? ? "C1'" A DG 4  ? ? N9 A DG 4  ? ? 111.19 108.30 2.89  0.30 N 
7  1 N7    A DG 4  ? ? C8    A DG 4  ? ? N9 A DG 4  ? ? 117.62 113.10 4.52  0.50 N 
8  1 C8    A DG 4  ? ? N9    A DG 4  ? ? C4 A DG 4  ? ? 103.81 106.40 -2.59 0.40 N 
9  1 "O4'" A DA 5  ? ? "C1'" A DA 5  ? ? N9 A DA 5  ? ? 110.44 108.30 2.14  0.30 N 
10 1 N7    A DA 5  ? ? C8    A DA 5  ? ? N9 A DA 5  ? ? 117.58 113.80 3.78  0.50 N 
11 1 "O4'" A DA 6  ? ? "C1'" A DA 6  ? ? N9 A DA 6  ? ? 110.55 108.30 2.25  0.30 N 
12 1 N7    A DA 6  ? ? C8    A DA 6  ? ? N9 A DA 6  ? ? 117.68 113.80 3.88  0.50 N 
13 1 "O4'" A DT 7  ? ? "C1'" A DT 7  ? ? N1 A DT 7  ? ? 110.94 108.30 2.64  0.30 N 
14 1 "O4'" A DC 9  ? ? "C1'" A DC 9  ? ? N1 A DC 9  ? ? 110.63 108.30 2.33  0.30 N 
15 1 "O4'" A DG 10 ? ? "C1'" A DG 10 ? ? N9 A DG 10 ? ? 111.30 108.30 3.00  0.30 N 
16 1 N7    A DG 10 ? ? C8    A DG 10 ? ? N9 A DG 10 ? ? 117.59 113.10 4.49  0.50 N 
17 1 C8    A DG 10 ? ? N9    A DG 10 ? ? C4 A DG 10 ? ? 103.78 106.40 -2.62 0.40 N 
18 1 "O4'" A DC 11 ? ? "C1'" A DC 11 ? ? N1 A DC 11 ? ? 110.24 108.30 1.94  0.30 N 
19 1 "O4'" A DG 12 ? ? "C1'" A DG 12 ? ? N9 A DG 12 ? ? 110.93 108.30 2.63  0.30 N 
20 1 N7    A DG 12 ? ? C8    A DG 12 ? ? N9 A DG 12 ? ? 117.58 113.10 4.48  0.50 N 
21 1 C8    A DG 12 ? ? N9    A DG 12 ? ? C4 A DG 12 ? ? 103.62 106.40 -2.78 0.40 N 
22 1 "O4'" B DC 13 ? ? "C1'" B DC 13 ? ? N1 B DC 13 ? ? 110.70 108.30 2.40  0.30 N 
23 1 "O4'" B DG 14 ? ? "C1'" B DG 14 ? ? N9 B DG 14 ? ? 110.76 108.30 2.46  0.30 N 
24 1 N7    B DG 14 ? ? C8    B DG 14 ? ? N9 B DG 14 ? ? 117.64 113.10 4.54  0.50 N 
25 1 C8    B DG 14 ? ? N9    B DG 14 ? ? C4 B DG 14 ? ? 103.78 106.40 -2.62 0.40 N 
26 1 "O4'" B DC 15 ? ? "C1'" B DC 15 ? ? N1 B DC 15 ? ? 111.02 108.30 2.72  0.30 N 
27 1 "O4'" B DG 16 ? ? "C1'" B DG 16 ? ? N9 B DG 16 ? ? 111.10 108.30 2.80  0.30 N 
28 1 N7    B DG 16 ? ? C8    B DG 16 ? ? N9 B DG 16 ? ? 117.62 113.10 4.52  0.50 N 
29 1 C8    B DG 16 ? ? N9    B DG 16 ? ? C4 B DG 16 ? ? 103.79 106.40 -2.61 0.40 N 
30 1 "O4'" B DA 17 ? ? "C1'" B DA 17 ? ? N9 B DA 17 ? ? 110.28 108.30 1.98  0.30 N 
31 1 N7    B DA 17 ? ? C8    B DA 17 ? ? N9 B DA 17 ? ? 117.62 113.80 3.82  0.50 N 
32 1 "O4'" B DA 18 ? ? "C1'" B DA 18 ? ? N9 B DA 18 ? ? 110.50 108.30 2.20  0.30 N 
33 1 N7    B DA 18 ? ? C8    B DA 18 ? ? N9 B DA 18 ? ? 117.62 113.80 3.82  0.50 N 
34 1 "O4'" B DT 19 ? ? "C1'" B DT 19 ? ? N1 B DT 19 ? ? 110.85 108.30 2.55  0.30 N 
35 1 "O4'" B DT 20 ? ? "C1'" B DT 20 ? ? N1 B DT 20 ? ? 110.20 108.30 1.90  0.30 N 
36 1 "O4'" B DC 21 ? ? "C1'" B DC 21 ? ? N1 B DC 21 ? ? 110.64 108.30 2.34  0.30 N 
37 1 "O4'" B DG 22 ? ? "C1'" B DG 22 ? ? N9 B DG 22 ? ? 111.27 108.30 2.97  0.30 N 
38 1 N7    B DG 22 ? ? C8    B DG 22 ? ? N9 B DG 22 ? ? 117.65 113.10 4.55  0.50 N 
39 1 C8    B DG 22 ? ? N9    B DG 22 ? ? C4 B DG 22 ? ? 103.66 106.40 -2.74 0.40 N 
40 1 "O4'" B DC 23 ? ? "C1'" B DC 23 ? ? N1 B DC 23 ? ? 110.43 108.30 2.13  0.30 N 
41 1 "O4'" B DG 24 ? ? "C1'" B DG 24 ? ? N9 B DG 24 ? ? 111.42 108.30 3.12  0.30 N 
42 1 N7    B DG 24 ? ? C8    B DG 24 ? ? N9 B DG 24 ? ? 117.54 113.10 4.44  0.50 N 
43 1 C8    B DG 24 ? ? N9    B DG 24 ? ? C4 B DG 24 ? ? 103.77 106.40 -2.63 0.40 N 
# 
loop_
_pdbx_validate_polymer_linkage.id 
_pdbx_validate_polymer_linkage.PDB_model_num 
_pdbx_validate_polymer_linkage.auth_atom_id_1 
_pdbx_validate_polymer_linkage.auth_asym_id_1 
_pdbx_validate_polymer_linkage.auth_comp_id_1 
_pdbx_validate_polymer_linkage.auth_seq_id_1 
_pdbx_validate_polymer_linkage.PDB_ins_code_1 
_pdbx_validate_polymer_linkage.label_alt_id_1 
_pdbx_validate_polymer_linkage.auth_atom_id_2 
_pdbx_validate_polymer_linkage.auth_asym_id_2 
_pdbx_validate_polymer_linkage.auth_comp_id_2 
_pdbx_validate_polymer_linkage.auth_seq_id_2 
_pdbx_validate_polymer_linkage.PDB_ins_code_2 
_pdbx_validate_polymer_linkage.label_alt_id_2 
_pdbx_validate_polymer_linkage.dist 
1 1 "O3'" A DT 8  ? ? P A DC 9  ? ? 3.92 
2 1 "O3'" B DT 20 ? ? P B DC 21 ? ? 3.93 
# 
_pdbx_nmr_ensemble.entry_id                                      1QXB 
_pdbx_nmr_ensemble.conformers_calculated_total_number            ? 
_pdbx_nmr_ensemble.conformers_submitted_total_number             1 
_pdbx_nmr_ensemble.conformer_selection_criteria                  ? 
_pdbx_nmr_ensemble.average_constraints_per_residue               ? 
_pdbx_nmr_ensemble.average_constraint_violations_per_residue     ? 
_pdbx_nmr_ensemble.maximum_distance_constraint_violation         ? 
_pdbx_nmr_ensemble.average_distance_constraint_violation         ? 
_pdbx_nmr_ensemble.maximum_upper_distance_constraint_violation   ? 
_pdbx_nmr_ensemble.maximum_lower_distance_constraint_violation   ? 
_pdbx_nmr_ensemble.distance_constraint_violation_method          ? 
_pdbx_nmr_ensemble.maximum_torsion_angle_constraint_violation    ? 
_pdbx_nmr_ensemble.average_torsion_angle_constraint_violation    ? 
_pdbx_nmr_ensemble.torsion_angle_constraint_violation_method     ? 
# 
_pdbx_nmr_representative.entry_id             1QXB 
_pdbx_nmr_representative.conformer_id         1 
_pdbx_nmr_representative.selection_criteria   'minimized average structure' 
# 
loop_
_pdbx_nmr_sample_details.solution_id 
_pdbx_nmr_sample_details.contents 
_pdbx_nmr_sample_details.solvent_system 
1 '3.4mM CGCGAATT*CGCG, 100% D2O'         '100% D2O'        
2 '3.4mM CGCGAATT*CGCG, 90% H2O, 10% D2O' '90% H2O/10% D2O' 
# 
loop_
_pdbx_nmr_exptl_sample_conditions.conditions_id 
_pdbx_nmr_exptl_sample_conditions.temperature 
_pdbx_nmr_exptl_sample_conditions.pressure 
_pdbx_nmr_exptl_sample_conditions.pH 
_pdbx_nmr_exptl_sample_conditions.ionic_strength 
_pdbx_nmr_exptl_sample_conditions.pressure_units 
_pdbx_nmr_exptl_sample_conditions.temperature_units 
1 298 ambient 7.2 'no salt added' ? K 
2 283 ambient 7.2 'no salt added' ? K 
# 
loop_
_pdbx_nmr_exptl.experiment_id 
_pdbx_nmr_exptl.solution_id 
_pdbx_nmr_exptl.conditions_id 
_pdbx_nmr_exptl.type 
1 1 1 '2D NOESY' 
2 1 1 '2D TOCSY' 
3 1 1 DQF-COSY   
4 1 2 '2D NOESY' 
5 2 2 '2D NOESY' 
# 
_pdbx_nmr_refine.entry_id           1QXB 
_pdbx_nmr_refine.method             'torsion angle dynamics followed by a molecular dynamics refinement' 
_pdbx_nmr_refine.details            ? 
_pdbx_nmr_refine.software_ordinal   1 
# 
loop_
_pdbx_nmr_software.name 
_pdbx_nmr_software.version 
_pdbx_nmr_software.classification 
_pdbx_nmr_software.authors 
_pdbx_nmr_software.ordinal 
VNMR   6.1b  collection           Varian                1 
Felix  97.00 processing           'Biosym Technologies' 2 
Felix  97.00 'data analysis'      'Biosym Technologies' 3 
X-PLOR 3.851 'structure solution' 'Brnger AT'           4 
X-PLOR 3.851 refinement           'Brnger AT'           5 
# 
loop_
_chem_comp_atom.comp_id 
_chem_comp_atom.atom_id 
_chem_comp_atom.type_symbol 
_chem_comp_atom.pdbx_aromatic_flag 
_chem_comp_atom.pdbx_stereo_config 
_chem_comp_atom.pdbx_ordinal 
BDR C4     C N R 1   
BDR O4     O N N 2   
BDR C1     C N R 3   
BDR O1     O N N 4   
BDR C2     C N R 5   
BDR O2     O N N 6   
BDR C3     C N S 7   
BDR O3     O N N 8   
BDR C5     C N N 9   
BDR O5     O N N 10  
BDR H4     H N N 11  
BDR H1     H N N 12  
BDR HO1    H N N 13  
BDR H2     H N N 14  
BDR HO2    H N N 15  
BDR H3     H N N 16  
BDR HO3    H N N 17  
BDR H51    H N N 18  
BDR H52    H N N 19  
BDR HO5    H N N 20  
DA  OP3    O N N 21  
DA  P      P N N 22  
DA  OP1    O N N 23  
DA  OP2    O N N 24  
DA  "O5'"  O N N 25  
DA  "C5'"  C N N 26  
DA  "C4'"  C N R 27  
DA  "O4'"  O N N 28  
DA  "C3'"  C N S 29  
DA  "O3'"  O N N 30  
DA  "C2'"  C N N 31  
DA  "C1'"  C N R 32  
DA  N9     N Y N 33  
DA  C8     C Y N 34  
DA  N7     N Y N 35  
DA  C5     C Y N 36  
DA  C6     C Y N 37  
DA  N6     N N N 38  
DA  N1     N Y N 39  
DA  C2     C Y N 40  
DA  N3     N Y N 41  
DA  C4     C Y N 42  
DA  HOP3   H N N 43  
DA  HOP2   H N N 44  
DA  "H5'"  H N N 45  
DA  "H5''" H N N 46  
DA  "H4'"  H N N 47  
DA  "H3'"  H N N 48  
DA  "HO3'" H N N 49  
DA  "H2'"  H N N 50  
DA  "H2''" H N N 51  
DA  "H1'"  H N N 52  
DA  H8     H N N 53  
DA  H61    H N N 54  
DA  H62    H N N 55  
DA  H2     H N N 56  
DC  OP3    O N N 57  
DC  P      P N N 58  
DC  OP1    O N N 59  
DC  OP2    O N N 60  
DC  "O5'"  O N N 61  
DC  "C5'"  C N N 62  
DC  "C4'"  C N R 63  
DC  "O4'"  O N N 64  
DC  "C3'"  C N S 65  
DC  "O3'"  O N N 66  
DC  "C2'"  C N N 67  
DC  "C1'"  C N R 68  
DC  N1     N N N 69  
DC  C2     C N N 70  
DC  O2     O N N 71  
DC  N3     N N N 72  
DC  C4     C N N 73  
DC  N4     N N N 74  
DC  C5     C N N 75  
DC  C6     C N N 76  
DC  HOP3   H N N 77  
DC  HOP2   H N N 78  
DC  "H5'"  H N N 79  
DC  "H5''" H N N 80  
DC  "H4'"  H N N 81  
DC  "H3'"  H N N 82  
DC  "HO3'" H N N 83  
DC  "H2'"  H N N 84  
DC  "H2''" H N N 85  
DC  "H1'"  H N N 86  
DC  H41    H N N 87  
DC  H42    H N N 88  
DC  H5     H N N 89  
DC  H6     H N N 90  
DG  OP3    O N N 91  
DG  P      P N N 92  
DG  OP1    O N N 93  
DG  OP2    O N N 94  
DG  "O5'"  O N N 95  
DG  "C5'"  C N N 96  
DG  "C4'"  C N R 97  
DG  "O4'"  O N N 98  
DG  "C3'"  C N S 99  
DG  "O3'"  O N N 100 
DG  "C2'"  C N N 101 
DG  "C1'"  C N R 102 
DG  N9     N Y N 103 
DG  C8     C Y N 104 
DG  N7     N Y N 105 
DG  C5     C Y N 106 
DG  C6     C N N 107 
DG  O6     O N N 108 
DG  N1     N N N 109 
DG  C2     C N N 110 
DG  N2     N N N 111 
DG  N3     N N N 112 
DG  C4     C Y N 113 
DG  HOP3   H N N 114 
DG  HOP2   H N N 115 
DG  "H5'"  H N N 116 
DG  "H5''" H N N 117 
DG  "H4'"  H N N 118 
DG  "H3'"  H N N 119 
DG  "HO3'" H N N 120 
DG  "H2'"  H N N 121 
DG  "H2''" H N N 122 
DG  "H1'"  H N N 123 
DG  H8     H N N 124 
DG  H1     H N N 125 
DG  H21    H N N 126 
DG  H22    H N N 127 
DT  OP3    O N N 128 
DT  P      P N N 129 
DT  OP1    O N N 130 
DT  OP2    O N N 131 
DT  "O5'"  O N N 132 
DT  "C5'"  C N N 133 
DT  "C4'"  C N R 134 
DT  "O4'"  O N N 135 
DT  "C3'"  C N S 136 
DT  "O3'"  O N N 137 
DT  "C2'"  C N N 138 
DT  "C1'"  C N R 139 
DT  N1     N N N 140 
DT  C2     C N N 141 
DT  O2     O N N 142 
DT  N3     N N N 143 
DT  C4     C N N 144 
DT  O4     O N N 145 
DT  C5     C N N 146 
DT  C7     C N N 147 
DT  C6     C N N 148 
DT  HOP3   H N N 149 
DT  HOP2   H N N 150 
DT  "H5'"  H N N 151 
DT  "H5''" H N N 152 
DT  "H4'"  H N N 153 
DT  "H3'"  H N N 154 
DT  "HO3'" H N N 155 
DT  "H2'"  H N N 156 
DT  "H2''" H N N 157 
DT  "H1'"  H N N 158 
DT  H3     H N N 159 
DT  H71    H N N 160 
DT  H72    H N N 161 
DT  H73    H N N 162 
DT  H6     H N N 163 
# 
loop_
_chem_comp_bond.comp_id 
_chem_comp_bond.atom_id_1 
_chem_comp_bond.atom_id_2 
_chem_comp_bond.value_order 
_chem_comp_bond.pdbx_aromatic_flag 
_chem_comp_bond.pdbx_stereo_config 
_chem_comp_bond.pdbx_ordinal 
BDR C4    O4     sing N N 1   
BDR C4    C3     sing N N 2   
BDR C4    C5     sing N N 3   
BDR C4    H4     sing N N 4   
BDR O4    C1     sing N N 5   
BDR C1    O1     sing N N 6   
BDR C1    C2     sing N N 7   
BDR C1    H1     sing N N 8   
BDR O1    HO1    sing N N 9   
BDR C2    O2     sing N N 10  
BDR C2    C3     sing N N 11  
BDR C2    H2     sing N N 12  
BDR O2    HO2    sing N N 13  
BDR C3    O3     sing N N 14  
BDR C3    H3     sing N N 15  
BDR O3    HO3    sing N N 16  
BDR C5    O5     sing N N 17  
BDR C5    H51    sing N N 18  
BDR C5    H52    sing N N 19  
BDR O5    HO5    sing N N 20  
DA  OP3   P      sing N N 21  
DA  OP3   HOP3   sing N N 22  
DA  P     OP1    doub N N 23  
DA  P     OP2    sing N N 24  
DA  P     "O5'"  sing N N 25  
DA  OP2   HOP2   sing N N 26  
DA  "O5'" "C5'"  sing N N 27  
DA  "C5'" "C4'"  sing N N 28  
DA  "C5'" "H5'"  sing N N 29  
DA  "C5'" "H5''" sing N N 30  
DA  "C4'" "O4'"  sing N N 31  
DA  "C4'" "C3'"  sing N N 32  
DA  "C4'" "H4'"  sing N N 33  
DA  "O4'" "C1'"  sing N N 34  
DA  "C3'" "O3'"  sing N N 35  
DA  "C3'" "C2'"  sing N N 36  
DA  "C3'" "H3'"  sing N N 37  
DA  "O3'" "HO3'" sing N N 38  
DA  "C2'" "C1'"  sing N N 39  
DA  "C2'" "H2'"  sing N N 40  
DA  "C2'" "H2''" sing N N 41  
DA  "C1'" N9     sing N N 42  
DA  "C1'" "H1'"  sing N N 43  
DA  N9    C8     sing Y N 44  
DA  N9    C4     sing Y N 45  
DA  C8    N7     doub Y N 46  
DA  C8    H8     sing N N 47  
DA  N7    C5     sing Y N 48  
DA  C5    C6     sing Y N 49  
DA  C5    C4     doub Y N 50  
DA  C6    N6     sing N N 51  
DA  C6    N1     doub Y N 52  
DA  N6    H61    sing N N 53  
DA  N6    H62    sing N N 54  
DA  N1    C2     sing Y N 55  
DA  C2    N3     doub Y N 56  
DA  C2    H2     sing N N 57  
DA  N3    C4     sing Y N 58  
DC  OP3   P      sing N N 59  
DC  OP3   HOP3   sing N N 60  
DC  P     OP1    doub N N 61  
DC  P     OP2    sing N N 62  
DC  P     "O5'"  sing N N 63  
DC  OP2   HOP2   sing N N 64  
DC  "O5'" "C5'"  sing N N 65  
DC  "C5'" "C4'"  sing N N 66  
DC  "C5'" "H5'"  sing N N 67  
DC  "C5'" "H5''" sing N N 68  
DC  "C4'" "O4'"  sing N N 69  
DC  "C4'" "C3'"  sing N N 70  
DC  "C4'" "H4'"  sing N N 71  
DC  "O4'" "C1'"  sing N N 72  
DC  "C3'" "O3'"  sing N N 73  
DC  "C3'" "C2'"  sing N N 74  
DC  "C3'" "H3'"  sing N N 75  
DC  "O3'" "HO3'" sing N N 76  
DC  "C2'" "C1'"  sing N N 77  
DC  "C2'" "H2'"  sing N N 78  
DC  "C2'" "H2''" sing N N 79  
DC  "C1'" N1     sing N N 80  
DC  "C1'" "H1'"  sing N N 81  
DC  N1    C2     sing N N 82  
DC  N1    C6     sing N N 83  
DC  C2    O2     doub N N 84  
DC  C2    N3     sing N N 85  
DC  N3    C4     doub N N 86  
DC  C4    N4     sing N N 87  
DC  C4    C5     sing N N 88  
DC  N4    H41    sing N N 89  
DC  N4    H42    sing N N 90  
DC  C5    C6     doub N N 91  
DC  C5    H5     sing N N 92  
DC  C6    H6     sing N N 93  
DG  OP3   P      sing N N 94  
DG  OP3   HOP3   sing N N 95  
DG  P     OP1    doub N N 96  
DG  P     OP2    sing N N 97  
DG  P     "O5'"  sing N N 98  
DG  OP2   HOP2   sing N N 99  
DG  "O5'" "C5'"  sing N N 100 
DG  "C5'" "C4'"  sing N N 101 
DG  "C5'" "H5'"  sing N N 102 
DG  "C5'" "H5''" sing N N 103 
DG  "C4'" "O4'"  sing N N 104 
DG  "C4'" "C3'"  sing N N 105 
DG  "C4'" "H4'"  sing N N 106 
DG  "O4'" "C1'"  sing N N 107 
DG  "C3'" "O3'"  sing N N 108 
DG  "C3'" "C2'"  sing N N 109 
DG  "C3'" "H3'"  sing N N 110 
DG  "O3'" "HO3'" sing N N 111 
DG  "C2'" "C1'"  sing N N 112 
DG  "C2'" "H2'"  sing N N 113 
DG  "C2'" "H2''" sing N N 114 
DG  "C1'" N9     sing N N 115 
DG  "C1'" "H1'"  sing N N 116 
DG  N9    C8     sing Y N 117 
DG  N9    C4     sing Y N 118 
DG  C8    N7     doub Y N 119 
DG  C8    H8     sing N N 120 
DG  N7    C5     sing Y N 121 
DG  C5    C6     sing N N 122 
DG  C5    C4     doub Y N 123 
DG  C6    O6     doub N N 124 
DG  C6    N1     sing N N 125 
DG  N1    C2     sing N N 126 
DG  N1    H1     sing N N 127 
DG  C2    N2     sing N N 128 
DG  C2    N3     doub N N 129 
DG  N2    H21    sing N N 130 
DG  N2    H22    sing N N 131 
DG  N3    C4     sing N N 132 
DT  OP3   P      sing N N 133 
DT  OP3   HOP3   sing N N 134 
DT  P     OP1    doub N N 135 
DT  P     OP2    sing N N 136 
DT  P     "O5'"  sing N N 137 
DT  OP2   HOP2   sing N N 138 
DT  "O5'" "C5'"  sing N N 139 
DT  "C5'" "C4'"  sing N N 140 
DT  "C5'" "H5'"  sing N N 141 
DT  "C5'" "H5''" sing N N 142 
DT  "C4'" "O4'"  sing N N 143 
DT  "C4'" "C3'"  sing N N 144 
DT  "C4'" "H4'"  sing N N 145 
DT  "O4'" "C1'"  sing N N 146 
DT  "C3'" "O3'"  sing N N 147 
DT  "C3'" "C2'"  sing N N 148 
DT  "C3'" "H3'"  sing N N 149 
DT  "O3'" "HO3'" sing N N 150 
DT  "C2'" "C1'"  sing N N 151 
DT  "C2'" "H2'"  sing N N 152 
DT  "C2'" "H2''" sing N N 153 
DT  "C1'" N1     sing N N 154 
DT  "C1'" "H1'"  sing N N 155 
DT  N1    C2     sing N N 156 
DT  N1    C6     sing N N 157 
DT  C2    O2     doub N N 158 
DT  C2    N3     sing N N 159 
DT  N3    C4     sing N N 160 
DT  N3    H3     sing N N 161 
DT  C4    O4     doub N N 162 
DT  C4    C5     sing N N 163 
DT  C5    C7     sing N N 164 
DT  C5    C6     doub N N 165 
DT  C7    H71    sing N N 166 
DT  C7    H72    sing N N 167 
DT  C7    H73    sing N N 168 
DT  C6    H6     sing N N 169 
# 
loop_
_ndb_struct_conf_na.entry_id 
_ndb_struct_conf_na.feature 
1QXB 'double helix'        
1QXB 'b-form double helix' 
# 
loop_
_ndb_struct_na_base_pair.model_number 
_ndb_struct_na_base_pair.i_label_asym_id 
_ndb_struct_na_base_pair.i_label_comp_id 
_ndb_struct_na_base_pair.i_label_seq_id 
_ndb_struct_na_base_pair.i_symmetry 
_ndb_struct_na_base_pair.j_label_asym_id 
_ndb_struct_na_base_pair.j_label_comp_id 
_ndb_struct_na_base_pair.j_label_seq_id 
_ndb_struct_na_base_pair.j_symmetry 
_ndb_struct_na_base_pair.shear 
_ndb_struct_na_base_pair.stretch 
_ndb_struct_na_base_pair.stagger 
_ndb_struct_na_base_pair.buckle 
_ndb_struct_na_base_pair.propeller 
_ndb_struct_na_base_pair.opening 
_ndb_struct_na_base_pair.pair_number 
_ndb_struct_na_base_pair.pair_name 
_ndb_struct_na_base_pair.i_auth_asym_id 
_ndb_struct_na_base_pair.i_auth_seq_id 
_ndb_struct_na_base_pair.i_PDB_ins_code 
_ndb_struct_na_base_pair.j_auth_asym_id 
_ndb_struct_na_base_pair.j_auth_seq_id 
_ndb_struct_na_base_pair.j_PDB_ins_code 
_ndb_struct_na_base_pair.hbond_type_28 
_ndb_struct_na_base_pair.hbond_type_12 
1 A DC 1  1_555 B DG 12 1_555 0.338  -0.288 0.223  -9.174 -8.749  -1.126 1  A_DC1:DG24_B  A 1  ? B 24 ? 19 1 
1 A DG 2  1_555 B DC 11 1_555 -0.567 -0.381 0.159  -5.702 -8.419  -1.494 2  A_DG2:DC23_B  A 2  ? B 23 ? 19 1 
1 A DC 3  1_555 B DG 10 1_555 0.656  -0.409 -0.112 -4.778 -12.723 0.117  3  A_DC3:DG22_B  A 3  ? B 22 ? 19 1 
1 A DG 4  1_555 B DC 9  1_555 -0.382 -0.339 -0.260 0.749  0.471   -2.218 4  A_DG4:DC21_B  A 4  ? B 21 ? 19 1 
1 A DA 5  1_555 B DT 8  1_555 -0.062 -0.357 -0.698 -2.431 -20.937 1.182  5  A_DA5:DT20_B  A 5  ? B 20 ? 20 1 
1 A DA 6  1_555 B DT 7  1_555 -0.056 -0.309 -0.611 -5.753 -22.359 -0.851 6  A_DA6:DT19_B  A 6  ? B 19 ? 20 1 
1 A DT 7  1_555 B DA 6  1_555 0.082  -0.319 -0.674 5.585  -23.158 -0.659 7  A_DT7:DA18_B  A 7  ? B 18 ? 20 1 
1 A DT 8  1_555 B DA 5  1_555 0.097  -0.370 -0.925 6.500  -22.013 2.713  8  A_DT8:DA17_B  A 8  ? B 17 ? 20 1 
1 A DC 9  1_555 B DG 4  1_555 0.376  -0.331 -0.362 -1.871 3.449   -1.757 9  A_DC9:DG16_B  A 9  ? B 16 ? 19 1 
1 A DG 10 1_555 B DC 3  1_555 -0.824 -0.441 -0.055 1.739  -13.684 0.101  10 A_DG10:DC15_B A 10 ? B 15 ? 19 1 
1 A DC 11 1_555 B DG 2  1_555 0.596  -0.398 -0.010 3.893  -10.491 -2.028 11 A_DC11:DG14_B A 11 ? B 14 ? 19 1 
1 A DG 12 1_555 B DC 1  1_555 -0.321 -0.275 0.171  4.752  -11.567 -1.294 12 A_DG12:DC13_B A 12 ? B 13 ? 19 1 
# 
loop_
_ndb_struct_na_base_pair_step.model_number 
_ndb_struct_na_base_pair_step.i_label_asym_id_1 
_ndb_struct_na_base_pair_step.i_label_comp_id_1 
_ndb_struct_na_base_pair_step.i_label_seq_id_1 
_ndb_struct_na_base_pair_step.i_symmetry_1 
_ndb_struct_na_base_pair_step.j_label_asym_id_1 
_ndb_struct_na_base_pair_step.j_label_comp_id_1 
_ndb_struct_na_base_pair_step.j_label_seq_id_1 
_ndb_struct_na_base_pair_step.j_symmetry_1 
_ndb_struct_na_base_pair_step.i_label_asym_id_2 
_ndb_struct_na_base_pair_step.i_label_comp_id_2 
_ndb_struct_na_base_pair_step.i_label_seq_id_2 
_ndb_struct_na_base_pair_step.i_symmetry_2 
_ndb_struct_na_base_pair_step.j_label_asym_id_2 
_ndb_struct_na_base_pair_step.j_label_comp_id_2 
_ndb_struct_na_base_pair_step.j_label_seq_id_2 
_ndb_struct_na_base_pair_step.j_symmetry_2 
_ndb_struct_na_base_pair_step.shift 
_ndb_struct_na_base_pair_step.slide 
_ndb_struct_na_base_pair_step.rise 
_ndb_struct_na_base_pair_step.tilt 
_ndb_struct_na_base_pair_step.roll 
_ndb_struct_na_base_pair_step.twist 
_ndb_struct_na_base_pair_step.x_displacement 
_ndb_struct_na_base_pair_step.y_displacement 
_ndb_struct_na_base_pair_step.helical_rise 
_ndb_struct_na_base_pair_step.inclination 
_ndb_struct_na_base_pair_step.tip 
_ndb_struct_na_base_pair_step.helical_twist 
_ndb_struct_na_base_pair_step.step_number 
_ndb_struct_na_base_pair_step.step_name 
_ndb_struct_na_base_pair_step.i_auth_asym_id_1 
_ndb_struct_na_base_pair_step.i_auth_seq_id_1 
_ndb_struct_na_base_pair_step.i_PDB_ins_code_1 
_ndb_struct_na_base_pair_step.j_auth_asym_id_1 
_ndb_struct_na_base_pair_step.j_auth_seq_id_1 
_ndb_struct_na_base_pair_step.j_PDB_ins_code_1 
_ndb_struct_na_base_pair_step.i_auth_asym_id_2 
_ndb_struct_na_base_pair_step.i_auth_seq_id_2 
_ndb_struct_na_base_pair_step.i_PDB_ins_code_2 
_ndb_struct_na_base_pair_step.j_auth_asym_id_2 
_ndb_struct_na_base_pair_step.j_auth_seq_id_2 
_ndb_struct_na_base_pair_step.j_PDB_ins_code_2 
1 A DC 1  1_555 B DG 12 1_555 A DG 2  1_555 B DC 11 1_555 -0.165 -0.461 2.868 -0.569 6.212 33.057 -1.675 0.204  2.740 10.797 0.990 
33.624 1  AA_DC1DG2:DC23DG24_BB   A 1  ? B 24 ? A 2  ? B 23 ? 
1 A DG 2  1_555 B DC 11 1_555 A DC 3  1_555 B DG 10 1_555 0.465  -0.042 3.092 3.585  2.448 44.121 -0.271 -0.299 3.112 3.250  
-4.759 44.324 2  AA_DG2DC3:DG22DC23_BB   A 2  ? B 23 ? A 3  ? B 22 ? 
1 A DC 3  1_555 B DG 10 1_555 A DG 4  1_555 B DC 9  1_555 -0.151 -0.882 3.309 -2.377 4.736 28.652 -2.780 -0.215 3.128 9.468  4.752 
29.128 3  AA_DC3DG4:DC21DG22_BB   A 3  ? B 22 ? A 4  ? B 21 ? 
1 A DG 4  1_555 B DC 9  1_555 A DA 5  1_555 B DT 8  1_555 -0.329 -0.202 3.379 5.015  6.758 37.223 -1.183 1.152  3.225 10.425 
-7.735 38.129 4  AA_DG4DA5:DT20DC21_BB   A 4  ? B 21 ? A 5  ? B 20 ? 
1 A DA 5  1_555 B DT 8  1_555 A DA 6  1_555 B DT 7  1_555 -0.181 0.596  3.147 -2.413 7.369 40.143 0.060  0.000  3.207 10.616 3.476 
40.855 5  AA_DA5DA6:DT19DT20_BB   A 5  ? B 20 ? A 6  ? B 19 ? 
1 A DA 6  1_555 B DT 7  1_555 A DT 7  1_555 B DA 6  1_555 0.038  0.538  2.683 0.603  2.088 36.342 0.622  0.008  2.709 3.345  
-0.965 36.404 6  AA_DA6DT7:DA18DT19_BB   A 6  ? B 19 ? A 7  ? B 18 ? 
1 A DT 7  1_555 B DA 6  1_555 A DT 8  1_555 B DA 5  1_555 0.339  0.652  2.942 4.501  7.433 39.544 0.173  -0.024 3.030 10.828 
-6.557 40.450 7  AA_DT7DT8:DA17DA18_BB   A 7  ? B 18 ? A 8  ? B 17 ? 
1 A DT 8  1_555 B DA 5  1_555 A DC 9  1_555 B DG 4  1_555 0.296  -0.310 3.517 -5.449 7.911 37.230 -1.518 -1.171 3.311 12.145 8.366 
38.407 8  AA_DT8DC9:DG16DA17_BB   A 8  ? B 17 ? A 9  ? B 16 ? 
1 A DC 9  1_555 B DG 4  1_555 A DG 10 1_555 B DC 3  1_555 0.096  -1.066 3.387 1.615  3.241 28.975 -2.834 0.168  3.252 6.446  
-3.212 29.195 9  AA_DC9DG10:DC15DG16_BB  A 9  ? B 16 ? A 10 ? B 15 ? 
1 A DG 10 1_555 B DC 3  1_555 A DC 11 1_555 B DG 2  1_555 -0.614 0.055  3.007 -2.753 0.571 45.165 0.024  0.571  3.038 0.743  3.580 
45.248 10 AA_DG10DC11:DG14DC15_BB A 10 ? B 15 ? A 11 ? B 14 ? 
1 A DC 11 1_555 B DG 2  1_555 A DG 12 1_555 B DC 1  1_555 0.227  -0.366 2.981 -0.300 5.784 33.581 -1.455 -0.430 2.878 9.920  0.514 
34.063 11 AA_DC11DG12:DC13DG14_BB A 11 ? B 14 ? A 12 ? B 13 ? 
# 
_pdbx_nmr_spectrometer.spectrometer_id   1 
_pdbx_nmr_spectrometer.type              ? 
_pdbx_nmr_spectrometer.manufacturer      Varian 
_pdbx_nmr_spectrometer.model             UNITY 
_pdbx_nmr_spectrometer.field_strength    500 
# 
_atom_sites.entry_id                    1QXB 
_atom_sites.fract_transf_matrix[1][1]   1.000000 
_atom_sites.fract_transf_matrix[1][2]   0.000000 
_atom_sites.fract_transf_matrix[1][3]   0.000000 
_atom_sites.fract_transf_matrix[2][1]   0.000000 
_atom_sites.fract_transf_matrix[2][2]   1.000000 
_atom_sites.fract_transf_matrix[2][3]   0.000000 
_atom_sites.fract_transf_matrix[3][1]   0.000000 
_atom_sites.fract_transf_matrix[3][2]   0.000000 
_atom_sites.fract_transf_matrix[3][3]   1.000000 
_atom_sites.fract_transf_vector[1]      0.00000 
_atom_sites.fract_transf_vector[2]      0.00000 
_atom_sites.fract_transf_vector[3]      0.00000 
# 
loop_
_atom_type.symbol 
C 
H 
N 
O 
P 
# 
loop_
_atom_site.group_PDB 
_atom_site.id 
_atom_site.type_symbol 
_atom_site.label_atom_id 
_atom_site.label_alt_id 
_atom_site.label_comp_id 
_atom_site.label_asym_id 
_atom_site.label_entity_id 
_atom_site.label_seq_id 
_atom_site.pdbx_PDB_ins_code 
_atom_site.Cartn_x 
_atom_site.Cartn_y 
_atom_site.Cartn_z 
_atom_site.occupancy 
_atom_site.B_iso_or_equiv 
_atom_site.pdbx_formal_charge 
_atom_site.auth_seq_id 
_atom_site.auth_comp_id 
_atom_site.auth_asym_id 
_atom_site.auth_atom_id 
_atom_site.pdbx_PDB_model_num 
ATOM   1   O "O5'"  . DC  A 1 1  ? 0.643   -19.248 -9.697  1.00 1.81 ? 1  DC  A "O5'"  1 
ATOM   2   C "C5'"  . DC  A 1 1  ? -0.042  -18.505 -8.680  1.00 1.64 ? 1  DC  A "C5'"  1 
ATOM   3   C "C4'"  . DC  A 1 1  ? 0.612   -18.661 -7.315  1.00 0.45 ? 1  DC  A "C4'"  1 
ATOM   4   O "O4'"  . DC  A 1 1  ? 1.981   -18.258 -7.368  1.00 1.45 ? 1  DC  A "O4'"  1 
ATOM   5   C "C3'"  . DC  A 1 1  ? -0.101  -17.808 -6.271  1.00 1.40 ? 1  DC  A "C3'"  1 
ATOM   6   O "O3'"  . DC  A 1 1  ? -0.303  -18.540 -5.053  1.00 1.45 ? 1  DC  A "O3'"  1 
ATOM   7   C "C2'"  . DC  A 1 1  ? 0.829   -16.617 -6.060  1.00 1.23 ? 1  DC  A "C2'"  1 
ATOM   8   C "C1'"  . DC  A 1 1  ? 2.188   -17.187 -6.448  1.00 1.26 ? 1  DC  A "C1'"  1 
ATOM   9   N N1     . DC  A 1 1  ? 3.045   -16.140 -7.047  1.00 1.16 ? 1  DC  A N1     1 
ATOM   10  C C2     . DC  A 1 1  ? 4.232   -15.829 -6.397  1.00 1.08 ? 1  DC  A C2     1 
ATOM   11  O O2     . DC  A 1 1  ? 4.539   -16.407 -5.358  1.00 1.11 ? 1  DC  A O2     1 
ATOM   12  N N3     . DC  A 1 1  ? 5.035   -14.873 -6.941  1.00 1.03 ? 1  DC  A N3     1 
ATOM   13  C C4     . DC  A 1 1  ? 4.692   -14.246 -8.072  1.00 1.07 ? 1  DC  A C4     1 
ATOM   14  N N4     . DC  A 1 1  ? 5.509   -13.323 -8.579  1.00 1.08 ? 1  DC  A N4     1 
ATOM   15  C C5     . DC  A 1 1  ? 3.469   -14.560 -8.746  1.00 1.17 ? 1  DC  A C5     1 
ATOM   16  C C6     . DC  A 1 1  ? 2.680   -15.508 -8.202  1.00 1.20 ? 1  DC  A C6     1 
ATOM   17  H "H5'"  . DC  A 1 1  ? -1.057  -18.869 -8.587  1.00 1.74 ? 1  DC  A "H5'"  1 
ATOM   18  H "H5''" . DC  A 1 1  ? -0.054  -17.444 -8.973  1.00 1.56 ? 1  DC  A "H5''" 1 
ATOM   19  H "H4'"  . DC  A 1 1  ? 0.559   -19.708 -7.016  1.00 1.66 ? 1  DC  A "H4'"  1 
ATOM   20  H "H3'"  . DC  A 1 1  ? -1.059  -17.463 -6.668  1.00 1.44 ? 1  DC  A "H3'"  1 
ATOM   21  H "H2'"  . DC  A 1 1  ? 0.552   -15.796 -6.728  1.00 1.21 ? 1  DC  A "H2'"  1 
ATOM   22  H "H2''" . DC  A 1 1  ? 0.827   -16.304 -5.014  1.00 1.18 ? 1  DC  A "H2''" 1 
ATOM   23  H "H1'"  . DC  A 1 1  ? 2.678   -17.576 -5.554  1.00 1.27 ? 1  DC  A "H1'"  1 
ATOM   24  H H41    . DC  A 1 1  ? 6.376   -13.099 -8.105  1.00 1.05 ? 1  DC  A H41    1 
ATOM   25  H H42    . DC  A 1 1  ? 5.266   -12.848 -9.434  1.00 1.16 ? 1  DC  A H42    1 
ATOM   26  H H5     . DC  A 1 1  ? 3.186   -14.050 -9.667  1.00 1.25 ? 1  DC  A H5     1 
ATOM   27  H H6     . DC  A 1 1  ? 1.740   -15.772 -8.688  1.00 1.31 ? 1  DC  A H6     1 
ATOM   28  H "HO5'" . DC  A 1 1  ? 1.587   -19.108 -9.566  1.00 1.85 ? 1  DC  A "HO5'" 1 
ATOM   29  P P      . DG  A 1 2  ? -0.914  -17.822 -3.744  1.00 1.41 ? 2  DG  A P      1 
ATOM   30  O OP1    . DG  A 1 2  ? -1.586  -18.851 -2.919  1.00 1.60 ? 2  DG  A OP1    1 
ATOM   31  O OP2    . DG  A 1 2  ? -1.663  -16.620 -4.178  1.00 1.38 ? 2  DG  A OP2    1 
ATOM   32  O "O5'"  . DG  A 1 2  ? 0.407   -17.331 -2.966  1.00 1.29 ? 2  DG  A "O5'"  1 
ATOM   33  C "C5'"  . DG  A 1 2  ? 1.165   -18.242 -2.155  1.00 1.33 ? 2  DG  A "C5'"  1 
ATOM   34  C "C4'"  . DG  A 1 2  ? 2.144   -17.519 -1.244  1.00 0.30 ? 2  DG  A "C4'"  1 
ATOM   35  O "O4'"  . DG  A 1 2  ? 3.115   -16.811 -2.012  1.00 1.11 ? 2  DG  A "O4'"  1 
ATOM   36  C "C3'"  . DG  A 1 2  ? 1.414   -16.519 -0.350  1.00 1.17 ? 2  DG  A "C3'"  1 
ATOM   37  O "O3'"  . DG  A 1 2  ? 1.873   -16.624 1.008   1.00 1.20 ? 2  DG  A "O3'"  1 
ATOM   38  C "C2'"  . DG  A 1 2  ? 1.750   -15.160 -0.962  1.00 1.05 ? 2  DG  A "C2'"  1 
ATOM   39  C "C1'"  . DG  A 1 2  ? 3.090   -15.439 -1.627  1.00 0.99 ? 2  DG  A "C1'"  1 
ATOM   40  N N9     . DG  A 1 2  ? 3.297   -14.564 -2.795  1.00 0.90 ? 2  DG  A N9     1 
ATOM   41  C C8     . DG  A 1 2  ? 2.503   -14.342 -3.870  1.00 0.90 ? 2  DG  A C8     1 
ATOM   42  N N7     . DG  A 1 2  ? 2.937   -13.534 -4.779  1.00 0.84 ? 2  DG  A N7     1 
ATOM   43  C C5     . DG  A 1 2  ? 4.179   -13.161 -4.253  1.00 0.77 ? 2  DG  A C5     1 
ATOM   44  C C6     . DG  A 1 2  ? 5.164   -12.283 -4.774  1.00 0.71 ? 2  DG  A C6     1 
ATOM   45  O O6     . DG  A 1 2  ? 5.145   -11.656 -5.829  1.00 0.71 ? 2  DG  A O6     1 
ATOM   46  N N1     . DG  A 1 2  ? 6.258   -12.189 -3.928  1.00 0.69 ? 2  DG  A N1     1 
ATOM   47  C C2     . DG  A 1 2  ? 6.395   -12.855 -2.729  1.00 0.73 ? 2  DG  A C2     1 
ATOM   48  N N2     . DG  A 1 2  ? 7.518   -12.642 -2.059  1.00 0.73 ? 2  DG  A N2     1 
ATOM   49  N N3     . DG  A 1 2  ? 5.478   -13.680 -2.234  1.00 0.79 ? 2  DG  A N3     1 
ATOM   50  C C4     . DG  A 1 2  ? 4.402   -13.788 -3.039  1.00 0.81 ? 2  DG  A C4     1 
ATOM   51  H "H5'"  . DG  A 1 2  ? 1.750   -18.893 -2.790  1.00 1.40 ? 2  DG  A "H5'"  1 
ATOM   52  H "H5''" . DG  A 1 2  ? 0.464   -18.841 -1.553  1.00 1.44 ? 2  DG  A "H5''" 1 
ATOM   53  H "H4'"  . DG  A 1 2  ? 2.652   -18.251 -0.616  1.00 1.26 ? 2  DG  A "H4'"  1 
ATOM   54  H "H3'"  . DG  A 1 2  ? 0.335   -16.693 -0.401  1.00 1.25 ? 2  DG  A "H3'"  1 
ATOM   55  H "H2'"  . DG  A 1 2  ? 1.000   -14.885 -1.710  1.00 1.06 ? 2  DG  A "H2'"  1 
ATOM   56  H "H2''" . DG  A 1 2  ? 1.854   -14.394 -0.189  1.00 1.03 ? 2  DG  A "H2''" 1 
ATOM   57  H "H1'"  . DG  A 1 2  ? 3.887   -15.259 -0.906  1.00 0.97 ? 2  DG  A "H1'"  1 
ATOM   58  H H8     . DG  A 1 2  ? 1.530   -14.824 -3.962  1.00 0.98 ? 2  DG  A H8     1 
ATOM   59  H H1     . DG  A 1 2  ? 7.001   -11.574 -4.232  1.00 0.68 ? 2  DG  A H1     1 
ATOM   60  H H21    . DG  A 1 2  ? 8.221   -12.014 -2.431  1.00 0.71 ? 2  DG  A H21    1 
ATOM   61  H H22    . DG  A 1 2  ? 7.672   -13.105 -1.176  1.00 0.77 ? 2  DG  A H22    1 
ATOM   62  P P      . DC  A 1 3  ? 1.563   -15.474 2.095   1.00 1.21 ? 3  DC  A P      1 
ATOM   63  O OP1    . DC  A 1 3  ? 1.719   -16.062 3.444   1.00 1.35 ? 3  DC  A OP1    1 
ATOM   64  O OP2    . DC  A 1 3  ? 0.295   -14.805 1.725   1.00 1.26 ? 3  DC  A OP2    1 
ATOM   65  O "O5'"  . DC  A 1 3  ? 2.770   -14.437 1.856   1.00 1.05 ? 3  DC  A "O5'"  1 
ATOM   66  C "C5'"  . DC  A 1 3  ? 4.107   -14.766 2.269   1.00 1.05 ? 3  DC  A "C5'"  1 
ATOM   67  C "C4'"  . DC  A 1 3  ? 5.041   -13.567 2.227   1.00 0.39 ? 3  DC  A "C4'"  1 
ATOM   68  O "O4'"  . DC  A 1 3  ? 5.168   -13.075 0.892   1.00 0.88 ? 3  DC  A "O4'"  1 
ATOM   69  C "C3'"  . DC  A 1 3  ? 4.508   -12.438 3.110   1.00 0.98 ? 3  DC  A "C3'"  1 
ATOM   70  O "O3'"  . DC  A 1 3  ? 5.549   -11.884 3.929   1.00 1.01 ? 3  DC  A "O3'"  1 
ATOM   71  C "C2'"  . DC  A 1 3  ? 3.971   -11.413 2.118   1.00 0.90 ? 3  DC  A "C2'"  1 
ATOM   72  C "C1'"  . DC  A 1 3  ? 4.808   -11.696 0.877   1.00 0.81 ? 3  DC  A "C1'"  1 
ATOM   73  N N1     . DC  A 1 3  ? 4.065   -11.359 -0.359  1.00 0.75 ? 3  DC  A N1     1 
ATOM   74  C C2     . DC  A 1 3  ? 4.730   -10.616 -1.324  1.00 0.68 ? 3  DC  A C2     1 
ATOM   75  O O2     . DC  A 1 3  ? 5.892   -10.259 -1.142  1.00 0.68 ? 3  DC  A O2     1 
ATOM   76  N N3     . DC  A 1 3  ? 4.066   -10.300 -2.466  1.00 0.65 ? 3  DC  A N3     1 
ATOM   77  C C4     . DC  A 1 3  ? 2.803   -10.690 -2.661  1.00 0.69 ? 3  DC  A C4     1 
ATOM   78  N N4     . DC  A 1 3  ? 2.192   -10.367 -3.797  1.00 0.70 ? 3  DC  A N4     1 
ATOM   79  C C5     . DC  A 1 3  ? 2.108   -11.454 -1.673  1.00 0.78 ? 3  DC  A C5     1 
ATOM   80  C C6     . DC  A 1 3  ? 2.772   -11.766 -0.543  1.00 0.80 ? 3  DC  A C6     1 
ATOM   81  H "H5'"  . DC  A 1 3  ? 4.519   -15.508 1.599   1.00 1.08 ? 3  DC  A "H5'"  1 
ATOM   82  H "H5''" . DC  A 1 3  ? 4.065   -15.173 3.291   1.00 1.16 ? 3  DC  A "H5''" 1 
ATOM   83  H "H4'"  . DC  A 1 3  ? 6.024   -13.869 2.590   1.00 0.98 ? 3  DC  A "H4'"  1 
ATOM   84  H "H3'"  . DC  A 1 3  ? 3.692   -12.812 3.734   1.00 1.07 ? 3  DC  A "H3'"  1 
ATOM   85  H "H2'"  . DC  A 1 3  ? 2.912   -11.597 1.921   1.00 0.91 ? 3  DC  A "H2'"  1 
ATOM   86  H "H2''" . DC  A 1 3  ? 4.145   -10.398 2.476   1.00 0.92 ? 3  DC  A "H2''" 1 
ATOM   87  H "H1'"  . DC  A 1 3  ? 5.716   -11.093 0.918   1.00 0.79 ? 3  DC  A "H1'"  1 
ATOM   88  H H41    . DC  A 1 3  ? 2.684   -9.827  -4.499  1.00 0.67 ? 3  DC  A H41    1 
ATOM   89  H H42    . DC  A 1 3  ? 1.240   -10.659 -3.963  1.00 0.76 ? 3  DC  A H42    1 
ATOM   90  H H5     . DC  A 1 3  ? 1.076   -11.770 -1.827  1.00 0.85 ? 3  DC  A H5     1 
ATOM   91  H H6     . DC  A 1 3  ? 2.274   -12.352 0.229   1.00 0.89 ? 3  DC  A H6     1 
ATOM   92  P P      . DG  A 1 4  ? 5.317   -10.512 4.748   1.00 1.07 ? 4  DG  A P      1 
ATOM   93  O OP1    . DG  A 1 4  ? 6.208   -10.519 5.931   1.00 1.22 ? 4  DG  A OP1    1 
ATOM   94  O OP2    . DG  A 1 4  ? 3.860   -10.314 4.924   1.00 1.17 ? 4  DG  A OP2    1 
ATOM   95  O "O5'"  . DG  A 1 4  ? 5.851   -9.394  3.716   1.00 0.94 ? 4  DG  A "O5'"  1 
ATOM   96  C "C5'"  . DG  A 1 4  ? 7.259   -9.140  3.576   1.00 0.87 ? 4  DG  A "C5'"  1 
ATOM   97  C "C4'"  . DG  A 1 4  ? 7.546   -7.775  2.967   1.00 0.96 ? 4  DG  A "C4'"  1 
ATOM   98  O "O4'"  . DG  A 1 4  ? 7.102   -7.720  1.609   1.00 0.70 ? 4  DG  A "O4'"  1 
ATOM   99  C "C3'"  . DG  A 1 4  ? 6.838   -6.666  3.748   1.00 0.80 ? 4  DG  A "C3'"  1 
ATOM   100 O "O3'"  . DG  A 1 4  ? 7.732   -5.567  4.001   1.00 0.84 ? 4  DG  A "O3'"  1 
ATOM   101 C "C2'"  . DG  A 1 4  ? 5.683   -6.261  2.838   1.00 0.74 ? 4  DG  A "C2'"  1 
ATOM   102 C "C1'"  . DG  A 1 4  ? 6.239   -6.595  1.466   1.00 0.67 ? 4  DG  A "C1'"  1 
ATOM   103 N N9     . DG  A 1 4  ? 5.148   -6.878  0.519   1.00 0.63 ? 4  DG  A N9     1 
ATOM   104 C C8     . DG  A 1 4  ? 4.031   -7.629  0.682   1.00 0.66 ? 4  DG  A C8     1 
ATOM   105 N N7     . DG  A 1 4  ? 3.213   -7.707  -0.310  1.00 0.64 ? 4  DG  A N7     1 
ATOM   106 C C5     . DG  A 1 4  ? 3.854   -6.913  -1.265  1.00 0.58 ? 4  DG  A C5     1 
ATOM   107 C C6     . DG  A 1 4  ? 3.463   -6.590  -2.588  1.00 0.56 ? 4  DG  A C6     1 
ATOM   108 O O6     . DG  A 1 4  ? 2.459   -6.951  -3.192  1.00 0.59 ? 4  DG  A O6     1 
ATOM   109 N N1     . DG  A 1 4  ? 4.389   -5.764  -3.206  1.00 0.54 ? 4  DG  A N1     1 
ATOM   110 C C2     . DG  A 1 4  ? 5.551   -5.302  -2.628  1.00 0.54 ? 4  DG  A C2     1 
ATOM   111 N N2     . DG  A 1 4  ? 6.318   -4.527  -3.383  1.00 0.56 ? 4  DG  A N2     1 
ATOM   112 N N3     . DG  A 1 4  ? 5.927   -5.598  -1.386  1.00 0.55 ? 4  DG  A N3     1 
ATOM   113 C C4     . DG  A 1 4  ? 5.039   -6.403  -0.763  1.00 0.57 ? 4  DG  A C4     1 
ATOM   114 H "H5'"  . DG  A 1 4  ? 7.693   -9.876  2.914   1.00 0.89 ? 4  DG  A "H5'"  1 
ATOM   115 H "H5''" . DG  A 1 4  ? 7.726   -9.212  4.569   1.00 0.94 ? 4  DG  A "H5''" 1 
ATOM   116 H "H4'"  . DG  A 1 4  ? 8.621   -7.596  2.994   1.00 0.79 ? 4  DG  A "H4'"  1 
ATOM   117 H "H3'"  . DG  A 1 4  ? 6.447   -7.065  4.689   1.00 0.87 ? 4  DG  A "H3'"  1 
ATOM   118 H "H2'"  . DG  A 1 4  ? 4.799   -6.869  3.054   1.00 0.77 ? 4  DG  A "H2'"  1 
ATOM   119 H "H2''" . DG  A 1 4  ? 5.469   -5.193  2.920   1.00 0.77 ? 4  DG  A "H2''" 1 
ATOM   120 H "H1'"  . DG  A 1 4  ? 6.817   -5.748  1.098   1.00 0.65 ? 4  DG  A "H1'"  1 
ATOM   121 H H8     . DG  A 1 4  ? 3.825   -8.137  1.621   1.00 0.73 ? 4  DG  A H8     1 
ATOM   122 H H1     . DG  A 1 4  ? 4.172   -5.487  -4.153  1.00 0.56 ? 4  DG  A H1     1 
ATOM   123 H H21    . DG  A 1 4  ? 6.035   -4.299  -4.327  1.00 0.58 ? 4  DG  A H21    1 
ATOM   124 H H22    . DG  A 1 4  ? 7.185   -4.167  -3.015  1.00 0.58 ? 4  DG  A H22    1 
ATOM   125 P P      . DA  A 1 5  ? 7.190   -4.071  4.289   1.00 0.87 ? 5  DA  A P      1 
ATOM   126 O OP1    . DA  A 1 5  ? 8.139   -3.406  5.208   1.00 0.98 ? 5  DA  A OP1    1 
ATOM   127 O OP2    . DA  A 1 5  ? 5.753   -4.144  4.640   1.00 0.89 ? 5  DA  A OP2    1 
ATOM   128 O "O5'"  . DA  A 1 5  ? 7.319   -3.372  2.844   1.00 0.83 ? 5  DA  A "O5'"  1 
ATOM   129 C "C5'"  . DA  A 1 5  ? 8.611   -3.183  2.244   1.00 0.84 ? 5  DA  A "C5'"  1 
ATOM   130 C "C4'"  . DA  A 1 5  ? 8.600   -2.120  1.157   1.00 1.00 ? 5  DA  A "C4'"  1 
ATOM   131 O "O4'"  . DA  A 1 5  ? 7.714   -2.489  0.102   1.00 0.73 ? 5  DA  A "O4'"  1 
ATOM   132 C "C3'"  . DA  A 1 5  ? 8.148   -0.776  1.716   1.00 0.82 ? 5  DA  A "C3'"  1 
ATOM   133 O "O3'"  . DA  A 1 5  ? 8.940   0.294   1.180   1.00 0.84 ? 5  DA  A "O3'"  1 
ATOM   134 C "C2'"  . DA  A 1 5  ? 6.690   -0.667  1.284   1.00 0.78 ? 5  DA  A "C2'"  1 
ATOM   135 C "C1'"  . DA  A 1 5  ? 6.643   -1.547  0.038   1.00 0.70 ? 5  DA  A "C1'"  1 
ATOM   136 N N9     . DA  A 1 5  ? 5.348   -2.245  -0.054  1.00 0.65 ? 5  DA  A N9     1 
ATOM   137 C C8     . DA  A 1 5  ? 4.638   -2.886  0.907   1.00 0.67 ? 5  DA  A C8     1 
ATOM   138 N N7     . DA  A 1 5  ? 3.518   -3.422  0.564   1.00 0.62 ? 5  DA  A N7     1 
ATOM   139 C C5     . DA  A 1 5  ? 3.461   -3.107  -0.796  1.00 0.57 ? 5  DA  A C5     1 
ATOM   140 C C6     . DA  A 1 5  ? 2.519   -3.377  -1.791  1.00 0.54 ? 5  DA  A C6     1 
ATOM   141 N N6     . DA  A 1 5  ? 1.397   -4.056  -1.556  1.00 0.54 ? 5  DA  A N6     1 
ATOM   142 N N1     . DA  A 1 5  ? 2.777   -2.920  -3.031  1.00 0.54 ? 5  DA  A N1     1 
ATOM   143 C C2     . DA  A 1 5  ? 3.899   -2.234  -3.276  1.00 0.56 ? 5  DA  A C2     1 
ATOM   144 N N3     . DA  A 1 5  ? 4.853   -1.923  -2.409  1.00 0.59 ? 5  DA  A N3     1 
ATOM   145 C C4     . DA  A 1 5  ? 4.571   -2.391  -1.179  1.00 0.59 ? 5  DA  A C4     1 
ATOM   146 H "H5'"  . DA  A 1 5  ? 8.928   -4.104  1.777   1.00 0.85 ? 5  DA  A "H5'"  1 
ATOM   147 H "H5''" . DA  A 1 5  ? 9.324   -2.902  3.034   1.00 0.94 ? 5  DA  A "H5''" 1 
ATOM   148 H "H4'"  . DA  A 1 5  ? 9.607   -2.015  0.753   1.00 0.82 ? 5  DA  A "H4'"  1 
ATOM   149 H "H3'"  . DA  A 1 5  ? 8.212   -0.789  2.807   1.00 0.88 ? 5  DA  A "H3'"  1 
ATOM   150 H "H2'"  . DA  A 1 5  ? 6.034   -1.067  2.061   1.00 0.81 ? 5  DA  A "H2'"  1 
ATOM   151 H "H2''" . DA  A 1 5  ? 6.436   0.365   1.035   1.00 0.82 ? 5  DA  A "H2''" 1 
ATOM   152 H "H1'"  . DA  A 1 5  ? 6.770   -0.921  -0.846  1.00 0.70 ? 5  DA  A "H1'"  1 
ATOM   153 H H8     . DA  A 1 5  ? 5.004   -2.949  1.932   1.00 0.74 ? 5  DA  A H8     1 
ATOM   154 H H61    . DA  A 1 5  ? 0.744   -4.227  -2.310  1.00 0.54 ? 5  DA  A H61    1 
ATOM   155 H H62    . DA  A 1 5  ? 1.196   -4.395  -0.627  1.00 0.58 ? 5  DA  A H62    1 
ATOM   156 H H2     . DA  A 1 5  ? 4.052   -1.897  -4.302  1.00 0.59 ? 5  DA  A H2     1 
ATOM   157 P P      . DA  A 1 6  ? 8.569   1.838   1.470   1.00 0.87 ? 6  DA  A P      1 
ATOM   158 O OP1    . DA  A 1 6  ? 9.827   2.615   1.517   1.00 0.97 ? 6  DA  A OP1    1 
ATOM   159 O OP2    . DA  A 1 6  ? 7.626   1.890   2.609   1.00 0.89 ? 6  DA  A OP2    1 
ATOM   160 O "O5'"  . DA  A 1 6  ? 7.771   2.253   0.136   1.00 0.81 ? 6  DA  A "O5'"  1 
ATOM   161 C "C5'"  . DA  A 1 6  ? 8.444   2.308   -1.131  1.00 0.85 ? 6  DA  A "C5'"  1 
ATOM   162 C "C4'"  . DA  A 1 6  ? 7.562   2.886   -2.226  1.00 0.20 ? 6  DA  A "C4'"  1 
ATOM   163 O "O4'"  . DA  A 1 6  ? 6.458   2.022   -2.489  1.00 0.71 ? 6  DA  A "O4'"  1 
ATOM   164 C "C3'"  . DA  A 1 6  ? 7.022   4.247   -1.811  1.00 0.81 ? 6  DA  A "C3'"  1 
ATOM   165 O "O3'"  . DA  A 1 6  ? 7.056   5.176   -2.901  1.00 0.85 ? 6  DA  A "O3'"  1 
ATOM   166 C "C2'"  . DA  A 1 6  ? 5.594   3.961   -1.369  1.00 0.76 ? 6  DA  A "C2'"  1 
ATOM   167 C "C1'"  . DA  A 1 6  ? 5.245   2.699   -2.156  1.00 0.69 ? 6  DA  A "C1'"  1 
ATOM   168 N N9     . DA  A 1 6  ? 4.364   1.822   -1.362  1.00 0.65 ? 6  DA  A N9     1 
ATOM   169 C C8     . DA  A 1 6  ? 4.444   1.471   -0.056  1.00 0.67 ? 6  DA  A C8     1 
ATOM   170 N N7     . DA  A 1 6  ? 3.538   0.681   0.409   1.00 0.64 ? 6  DA  A N7     1 
ATOM   171 C C5     . DA  A 1 6  ? 2.744   0.473   -0.720  1.00 0.60 ? 6  DA  A C5     1 
ATOM   172 C C6     . DA  A 1 6  ? 1.587   -0.280  -0.933  1.00 0.57 ? 6  DA  A C6     1 
ATOM   173 N N6     . DA  A 1 6  ? 1.006   -0.996  0.028   1.00 0.58 ? 6  DA  A N6     1 
ATOM   174 N N1     . DA  A 1 6  ? 1.055   -0.267  -2.170  1.00 0.57 ? 6  DA  A N1     1 
ATOM   175 C C2     . DA  A 1 6  ? 1.632   0.445   -3.143  1.00 0.57 ? 6  DA  A C2     1 
ATOM   176 N N3     . DA  A 1 6  ? 2.729   1.192   -3.050  1.00 0.59 ? 6  DA  A N3     1 
ATOM   177 C C4     . DA  A 1 6  ? 3.239   1.162   -1.804  1.00 0.60 ? 6  DA  A C4     1 
ATOM   178 H "H5'"  . DA  A 1 6  ? 8.716   1.309   -1.440  1.00 0.88 ? 6  DA  A "H5'"  1 
ATOM   179 H "H5''" . DA  A 1 6  ? 9.352   2.921   -1.017  1.00 0.94 ? 6  DA  A "H5''" 1 
ATOM   180 H "H4'"  . DA  A 1 6  ? 8.152   2.997   -3.136  1.00 0.81 ? 6  DA  A "H4'"  1 
ATOM   181 H "H3'"  . DA  A 1 6  ? 7.601   4.633   -0.967  1.00 0.87 ? 6  DA  A "H3'"  1 
ATOM   182 H "H2'"  . DA  A 1 6  ? 5.565   3.763   -0.295  1.00 0.78 ? 6  DA  A "H2'"  1 
ATOM   183 H "H2''" . DA  A 1 6  ? 4.929   4.785   -1.647  1.00 0.78 ? 6  DA  A "H2''" 1 
ATOM   184 H "H1'"  . DA  A 1 6  ? 4.731   2.981   -3.074  1.00 0.69 ? 6  DA  A "H1'"  1 
ATOM   185 H H8     . DA  A 1 6  ? 5.244   1.848   0.580   1.00 0.72 ? 6  DA  A H8     1 
ATOM   186 H H61    . DA  A 1 6  ? 0.169   -1.529  -0.174  1.00 0.59 ? 6  DA  A H61    1 
ATOM   187 H H62    . DA  A 1 6  ? 1.401   -1.011  0.956   1.00 0.61 ? 6  DA  A H62    1 
ATOM   188 H H2     . DA  A 1 6  ? 1.150   0.414   -4.122  1.00 0.59 ? 6  DA  A H2     1 
ATOM   189 P P      . DT  A 1 7  ? 6.559   6.695   -2.698  1.00 0.89 ? 7  DT  A P      1 
ATOM   190 O OP1    . DT  A 1 7  ? 7.432   7.580   -3.503  1.00 1.00 ? 7  DT  A OP1    1 
ATOM   191 O OP2    . DT  A 1 7  ? 6.392   6.945   -1.248  1.00 0.93 ? 7  DT  A OP2    1 
ATOM   192 O "O5'"  . DT  A 1 7  ? 5.100   6.675   -3.372  1.00 0.84 ? 7  DT  A "O5'"  1 
ATOM   193 C "C5'"  . DT  A 1 7  ? 4.943   6.377   -4.768  1.00 0.85 ? 7  DT  A "C5'"  1 
ATOM   194 C "C4'"  . DT  A 1 7  ? 3.486   6.184   -5.144  1.00 0.20 ? 7  DT  A "C4'"  1 
ATOM   195 O "O4'"  . DT  A 1 7  ? 2.945   5.052   -4.463  1.00 0.76 ? 7  DT  A "O4'"  1 
ATOM   196 C "C3'"  . DT  A 1 7  ? 2.669   7.419   -4.768  1.00 0.81 ? 7  DT  A "C3'"  1 
ATOM   197 O "O3'"  . DT  A 1 7  ? 1.859   7.865   -5.859  1.00 0.84 ? 7  DT  A "O3'"  1 
ATOM   198 C "C2'"  . DT  A 1 7  ? 1.810   6.970   -3.594  1.00 0.75 ? 7  DT  A "C2'"  1 
ATOM   199 C "C1'"  . DT  A 1 7  ? 1.767   5.456   -3.772  1.00 0.72 ? 7  DT  A "C1'"  1 
ATOM   200 N N1     . DT  A 1 7  ? 1.659   4.769   -2.466  1.00 0.68 ? 7  DT  A N1     1 
ATOM   201 C C2     . DT  A 1 7  ? 0.771   3.715   -2.376  1.00 0.64 ? 7  DT  A C2     1 
ATOM   202 O O2     . DT  A 1 7  ? 0.101   3.339   -3.335  1.00 0.65 ? 7  DT  A O2     1 
ATOM   203 N N3     . DT  A 1 7  ? 0.676   3.105   -1.140  1.00 0.62 ? 7  DT  A N3     1 
ATOM   204 C C4     . DT  A 1 7  ? 1.382   3.452   -0.003  1.00 0.64 ? 7  DT  A C4     1 
ATOM   205 O O4     . DT  A 1 7  ? 1.225   2.836   1.048   1.00 0.63 ? 7  DT  A O4     1 
ATOM   206 C C5     . DT  A 1 7  ? 2.285   4.561   -0.188  1.00 0.68 ? 7  DT  A C5     1 
ATOM   207 C C7     . DT  A 1 7  ? 3.105   5.065   0.996   1.00 0.74 ? 7  DT  A C7     1 
ATOM   208 C C6     . DT  A 1 7  ? 2.398   5.174   -1.382  1.00 0.70 ? 7  DT  A C6     1 
ATOM   209 H "H5'"  . DT  A 1 7  ? 5.454   5.453   -5.002  1.00 0.90 ? 7  DT  A "H5'"  1 
ATOM   210 H "H5''" . DT  A 1 7  ? 5.378   7.201   -5.353  1.00 0.93 ? 7  DT  A "H5''" 1 
ATOM   211 H "H4'"  . DT  A 1 7  ? 3.412   6.020   -6.219  1.00 0.83 ? 7  DT  A "H4'"  1 
ATOM   212 H "H3'"  . DT  A 1 7  ? 3.342   8.219   -4.446  1.00 0.87 ? 7  DT  A "H3'"  1 
ATOM   213 H "H2'"  . DT  A 1 7  ? 2.294   7.236   -2.651  1.00 0.76 ? 7  DT  A "H2'"  1 
ATOM   214 H "H2''" . DT  A 1 7  ? 0.805   7.393   -3.664  1.00 0.77 ? 7  DT  A "H2''" 1 
ATOM   215 H "H1'"  . DT  A 1 7  ? 0.897   5.197   -4.376  1.00 0.74 ? 7  DT  A "H1'"  1 
ATOM   216 H H3     . DT  A 1 7  ? 0.027   2.335   -1.059  1.00 0.62 ? 7  DT  A H3     1 
ATOM   217 H H71    . DT  A 1 7  ? 2.886   4.458   1.873   1.00 1.21 ? 7  DT  A H71    1 
ATOM   218 H H72    . DT  A 1 7  ? 2.847   6.104   1.201   1.00 1.14 ? 7  DT  A H72    1 
ATOM   219 H H73    . DT  A 1 7  ? 4.166   4.993   0.762   1.00 1.05 ? 7  DT  A H73    1 
ATOM   220 H H6     . DT  A 1 7  ? 3.101   5.999   -1.490  1.00 0.75 ? 7  DT  A H6     1 
ATOM   221 P P      . DT  A 1 8  ? 0.915   9.162   -5.697  1.00 0.89 ? 8  DT  A P      1 
ATOM   222 O OP1    . DT  A 1 8  ? 0.928   9.905   -6.977  1.00 1.02 ? 8  DT  A OP1    1 
ATOM   223 O OP2    . DT  A 1 8  ? 1.283   9.853   -4.439  1.00 0.94 ? 8  DT  A OP2    1 
ATOM   224 O "O5'"  . DT  A 1 8  ? -0.544  8.513   -5.501  1.00 0.79 ? 8  DT  A "O5'"  1 
ATOM   225 C "C5'"  . DT  A 1 8  ? -1.164  7.794   -6.574  1.00 0.80 ? 8  DT  A "C5'"  1 
ATOM   226 C "C4'"  . DT  A 1 8  ? -2.458  7.115   -6.155  1.00 1.00 ? 8  DT  A "C4'"  1 
ATOM   227 O "O4'"  . DT  A 1 8  ? -2.226  6.219   -5.070  1.00 0.71 ? 8  DT  A "O4'"  1 
ATOM   228 C "C3'"  . DT  A 1 8  ? -3.506  8.144   -5.724  1.00 0.74 ? 8  DT  A "C3'"  1 
ATOM   229 O "O3'"  . DT  A 1 8  ? -4.778  7.858   -6.320  1.00 0.78 ? 8  DT  A "O3'"  1 
ATOM   230 C "C2'"  . DT  A 1 8  ? -3.568  8.009   -4.205  1.00 0.68 ? 8  DT  A "C2'"  1 
ATOM   231 C "C1'"  . DT  A 1 8  ? -3.053  6.593   -3.970  1.00 0.66 ? 8  DT  A "C1'"  1 
ATOM   232 N N1     . DT  A 1 8  ? -2.291  6.489   -2.702  1.00 0.61 ? 8  DT  A N1     1 
ATOM   233 C C2     . DT  A 1 8  ? -2.522  5.373   -1.920  1.00 0.59 ? 8  DT  A C2     1 
ATOM   234 O O2     . DT  A 1 8  ? -3.330  4.505   -2.239  1.00 0.61 ? 8  DT  A O2     1 
ATOM   235 N N3     . DT  A 1 8  ? -1.779  5.283   -0.759  1.00 0.58 ? 8  DT  A N3     1 
ATOM   236 C C4     . DT  A 1 8  ? -0.841  6.197   -0.315  1.00 0.59 ? 8  DT  A C4     1 
ATOM   237 O O4     . DT  A 1 8  ? -0.225  6.006   0.730   1.00 0.61 ? 8  DT  A O4     1 
ATOM   238 C C5     . DT  A 1 8  ? -0.670  7.332   -1.191  1.00 0.61 ? 8  DT  A C5     1 
ATOM   239 C C7     . DT  A 1 8  ? 0.319   8.429   -0.807  1.00 0.66 ? 8  DT  A C7     1 
ATOM   240 C C6     . DT  A 1 8  ? -1.379  7.445   -2.333  1.00 0.62 ? 8  DT  A C6     1 
ATOM   241 H "H5'"  . DT  A 1 8  ? -0.498  7.012   -6.914  1.00 0.85 ? 8  DT  A "H5'"  1 
ATOM   242 H "H5''" . DT  A 1 8  ? -1.359  8.497   -7.398  1.00 0.84 ? 8  DT  A "H5''" 1 
ATOM   243 H "H4'"  . DT  A 1 8  ? -2.844  6.546   -7.000  1.00 0.79 ? 8  DT  A "H4'"  1 
ATOM   244 H "H3'"  . DT  A 1 8  ? -3.169  9.158   -5.978  1.00 0.78 ? 8  DT  A "H3'"  1 
ATOM   245 H "H2'"  . DT  A 1 8  ? -2.910  8.745   -3.737  1.00 0.69 ? 8  DT  A "H2'"  1 
ATOM   246 H "H2''" . DT  A 1 8  ? -4.598  8.108   -3.850  1.00 0.68 ? 8  DT  A "H2''" 1 
ATOM   247 H "H1'"  . DT  A 1 8  ? -3.907  5.917   -3.920  1.00 0.68 ? 8  DT  A "H1'"  1 
ATOM   248 H H3     . DT  A 1 8  ? -1.941  4.473   -0.176  1.00 0.59 ? 8  DT  A H3     1 
ATOM   249 H H71    . DT  A 1 8  ? 1.054   8.553   -1.604  1.00 0.80 ? 8  DT  A H71    1 
ATOM   250 H H72    . DT  A 1 8  ? 0.830   8.152   0.116   1.00 0.83 ? 8  DT  A H72    1 
ATOM   251 H H73    . DT  A 1 8  ? -0.217  9.365   -0.657  1.00 0.70 ? 8  DT  A H73    1 
ATOM   252 H H6     . DT  A 1 8  ? -1.215  8.309   -2.977  1.00 0.67 ? 8  DT  A H6     1 
ATOM   253 P P      . DC  A 1 9  ? -6.251  10.660  -4.006  1.00 0.84 ? 9  DC  A P      1 
ATOM   254 O OP1    . DC  A 1 9  ? -7.571  11.060  -4.545  1.00 0.97 ? 9  DC  A OP1    1 
ATOM   255 O OP2    . DC  A 1 9  ? -5.618  11.464  -2.939  1.00 0.88 ? 9  DC  A OP2    1 
ATOM   256 O "O5'"  . DC  A 1 9  ? -6.359  9.132   -3.489  1.00 0.75 ? 9  DC  A "O5'"  1 
ATOM   257 C "C5'"  . DC  A 1 9  ? -7.140  8.156   -4.210  1.00 0.76 ? 9  DC  A "C5'"  1 
ATOM   258 C "C4'"  . DC  A 1 9  ? -7.910  7.227   -3.282  1.00 0.96 ? 9  DC  A "C4'"  1 
ATOM   259 O "O4'"  . DC  A 1 9  ? -7.014  6.494   -2.446  1.00 0.67 ? 9  DC  A "O4'"  1 
ATOM   260 C "C3'"  . DC  A 1 9  ? -8.850  8.019   -2.385  1.00 0.71 ? 9  DC  A "C3'"  1 
ATOM   261 O "O3'"  . DC  A 1 9  ? -10.082 7.313   -2.173  1.00 0.78 ? 9  DC  A "O3'"  1 
ATOM   262 C "C2'"  . DC  A 1 9  ? -8.063  8.173   -1.093  1.00 0.64 ? 9  DC  A "C2'"  1 
ATOM   263 C "C1'"  . DC  A 1 9  ? -7.189  6.922   -1.095  1.00 0.61 ? 9  DC  A "C1'"  1 
ATOM   264 N N1     . DC  A 1 9  ? -5.886  7.211   -0.468  1.00 0.55 ? 9  DC  A N1     1 
ATOM   265 C C2     . DC  A 1 9  ? -5.584  6.579   0.728   1.00 0.54 ? 9  DC  A C2     1 
ATOM   266 O O2     . DC  A 1 9  ? -6.372  5.776   1.222   1.00 0.58 ? 9  DC  A O2     1 
ATOM   267 N N3     . DC  A 1 9  ? -4.399  6.870   1.330   1.00 0.52 ? 9  DC  A N3     1 
ATOM   268 C C4     . DC  A 1 9  ? -3.545  7.742   0.782   1.00 0.51 ? 9  DC  A C4     1 
ATOM   269 N N4     . DC  A 1 9  ? -2.401  8.012   1.406   1.00 0.53 ? 9  DC  A N4     1 
ATOM   270 C C5     . DC  A 1 9  ? -3.850  8.393   -0.454  1.00 0.54 ? 9  DC  A C5     1 
ATOM   271 C C6     . DC  A 1 9  ? -5.025  8.098   -1.041  1.00 0.56 ? 9  DC  A C6     1 
ATOM   272 H "H5'"  . DC  A 1 9  ? -6.481  7.534   -4.800  1.00 0.82 ? 9  DC  A "H5'"  1 
ATOM   273 H "H5''" . DC  A 1 9  ? -7.838  8.687   -4.872  1.00 0.84 ? 9  DC  A "H5''" 1 
ATOM   274 H "H4'"  . DC  A 1 9  ? -8.493  6.525   -3.881  1.00 0.80 ? 9  DC  A "H4'"  1 
ATOM   275 H "H3'"  . DC  A 1 9  ? -9.043  9.003   -2.825  1.00 0.75 ? 9  DC  A "H3'"  1 
ATOM   276 H "H2'"  . DC  A 1 9  ? -7.442  9.074   -1.134  1.00 0.65 ? 9  DC  A "H2'"  1 
ATOM   277 H "H2''" . DC  A 1 9  ? -8.726  8.178   -0.229  1.00 0.66 ? 9  DC  A "H2''" 1 
ATOM   278 H "H1'"  . DC  A 1 9  ? -7.689  6.135   -0.530  1.00 0.64 ? 9  DC  A "H1'"  1 
ATOM   279 H H41    . DC  A 1 9  ? -2.185  7.551   2.282   1.00 0.55 ? 9  DC  A H41    1 
ATOM   280 H H42    . DC  A 1 9  ? -1.751  8.676   1.011   1.00 0.56 ? 9  DC  A H42    1 
ATOM   281 H H5     . DC  A 1 9  ? -3.157  9.104   -0.904  1.00 0.57 ? 9  DC  A H5     1 
ATOM   282 H H6     . DC  A 1 9  ? -5.292  8.570   -1.985  1.00 0.61 ? 9  DC  A H6     1 
ATOM   283 P P      . DG  A 1 10 ? -11.222 7.909   -1.201  1.00 0.85 ? 10 DG  A P      1 
ATOM   284 O OP1    . DG  A 1 10 ? -12.510 7.273   -1.555  1.00 1.03 ? 10 DG  A OP1    1 
ATOM   285 O OP2    . DG  A 1 10 ? -11.107 9.386   -1.199  1.00 0.91 ? 10 DG  A OP2    1 
ATOM   286 O "O5'"  . DG  A 1 10 ? -10.768 7.368   0.248   1.00 0.75 ? 10 DG  A "O5'"  1 
ATOM   287 C "C5'"  . DG  A 1 10 ? -11.102 6.035   0.673   1.00 0.77 ? 10 DG  A "C5'"  1 
ATOM   288 C "C4'"  . DG  A 1 10 ? -11.002 5.856   2.182   1.00 0.39 ? 10 DG  A "C4'"  1 
ATOM   289 O "O4'"  . DG  A 1 10 ? -9.656  6.026   2.629   1.00 0.68 ? 10 DG  A "O4'"  1 
ATOM   290 C "C3'"  . DG  A 1 10 ? -11.887 6.867   2.916   1.00 0.68 ? 10 DG  A "C3'"  1 
ATOM   291 O "O3'"  . DG  A 1 10 ? -12.702 6.209   3.905   1.00 0.73 ? 10 DG  A "O3'"  1 
ATOM   292 C "C2'"  . DG  A 1 10 ? -10.889 7.831   3.554   1.00 0.64 ? 10 DG  A "C2'"  1 
ATOM   293 C "C1'"  . DG  A 1 10 ? -9.660  6.950   3.712   1.00 0.63 ? 10 DG  A "C1'"  1 
ATOM   294 N N9     . DG  A 1 10 ? -8.424  7.757   3.733   1.00 0.60 ? 10 DG  A N9     1 
ATOM   295 C C8     . DG  A 1 10 ? -8.023  8.758   2.911   1.00 0.64 ? 10 DG  A C8     1 
ATOM   296 N N7     . DG  A 1 10 ? -6.883  9.314   3.156   1.00 0.64 ? 10 DG  A N7     1 
ATOM   297 C C5     . DG  A 1 10 ? -6.457  8.604   4.283   1.00 0.62 ? 10 DG  A C5     1 
ATOM   298 C C6     . DG  A 1 10 ? -5.265  8.733   5.049   1.00 0.69 ? 10 DG  A C6     1 
ATOM   299 O O6     . DG  A 1 10 ? -4.326  9.510   4.883   1.00 0.78 ? 10 DG  A O6     1 
ATOM   300 N N1     . DG  A 1 10 ? -5.235  7.827   6.095   1.00 0.70 ? 10 DG  A N1     1 
ATOM   301 C C2     . DG  A 1 10 ? -6.219  6.907   6.381   1.00 0.65 ? 10 DG  A C2     1 
ATOM   302 N N2     . DG  A 1 10 ? -6.004  6.122   7.428   1.00 0.70 ? 10 DG  A N2     1 
ATOM   303 N N3     . DG  A 1 10 ? -7.339  6.776   5.670   1.00 0.59 ? 10 DG  A N3     1 
ATOM   304 C C4     . DG  A 1 10 ? -7.396  7.649   4.641   1.00 0.59 ? 10 DG  A C4     1 
ATOM   305 H "H5'"  . DG  A 1 10 ? -10.409 5.333   0.228   1.00 0.82 ? 10 DG  A "H5'"  1 
ATOM   306 H "H5''" . DG  A 1 10 ? -12.124 5.807   0.334   1.00 0.85 ? 10 DG  A "H5''" 1 
ATOM   307 H "H4'"  . DG  A 1 10 ? -11.334 4.849   2.439   1.00 0.79 ? 10 DG  A "H4'"  1 
ATOM   308 H "H3'"  . DG  A 1 10 ? -12.515 7.404   2.198   1.00 0.73 ? 10 DG  A "H3'"  1 
ATOM   309 H "H2'"  . DG  A 1 10 ? -10.680 8.664   2.875   1.00 0.67 ? 10 DG  A "H2'"  1 
ATOM   310 H "H2''" . DG  A 1 10 ? -11.244 8.180   4.527   1.00 0.68 ? 10 DG  A "H2''" 1 
ATOM   311 H "H1'"  . DG  A 1 10 ? -9.739  6.396   4.647   1.00 0.69 ? 10 DG  A "H1'"  1 
ATOM   312 H H8     . DG  A 1 10 ? -8.642  9.083   2.075   1.00 0.70 ? 10 DG  A H8     1 
ATOM   313 H H1     . DG  A 1 10 ? -4.416  7.863   6.683   1.00 0.79 ? 10 DG  A H1     1 
ATOM   314 H H21    . DG  A 1 10 ? -5.159  6.222   7.970   1.00 0.78 ? 10 DG  A H21    1 
ATOM   315 H H22    . DG  A 1 10 ? -6.689  5.426   7.683   1.00 0.69 ? 10 DG  A H22    1 
ATOM   316 P P      . DC  A 1 11 ? -13.407 7.019   5.113   1.00 0.76 ? 11 DC  A P      1 
ATOM   317 O OP1    . DC  A 1 11 ? -14.721 6.394   5.384   1.00 0.87 ? 11 DC  A OP1    1 
ATOM   318 O OP2    . DC  A 1 11 ? -13.329 8.468   4.821   1.00 0.79 ? 11 DC  A OP2    1 
ATOM   319 O "O5'"  . DC  A 1 11 ? -12.436 6.706   6.362   1.00 0.78 ? 11 DC  A "O5'"  1 
ATOM   320 C "C5'"  . DC  A 1 11 ? -12.357 5.381   6.915   1.00 0.83 ? 11 DC  A "C5'"  1 
ATOM   321 C "C4'"  . DC  A 1 11 ? -11.653 5.351   8.266   1.00 0.30 ? 11 DC  A "C4'"  1 
ATOM   322 O "O4'"  . DC  A 1 11 ? -10.327 5.860   8.150   1.00 0.73 ? 11 DC  A "O4'"  1 
ATOM   323 C "C3'"  . DC  A 1 11 ? -12.402 6.197   9.292   1.00 0.86 ? 11 DC  A "C3'"  1 
ATOM   324 O "O3'"  . DC  A 1 11 ? -12.409 5.559   10.578  1.00 0.97 ? 11 DC  A "O3'"  1 
ATOM   325 C "C2'"  . DC  A 1 11 ? -11.627 7.510   9.325   1.00 0.78 ? 11 DC  A "C2'"  1 
ATOM   326 C "C1'"  . DC  A 1 11 ? -10.229 7.086   8.876   1.00 0.69 ? 11 DC  A "C1'"  1 
ATOM   327 N N1     . DC  A 1 11 ? -9.608  8.132   8.033   1.00 0.60 ? 11 DC  A N1     1 
ATOM   328 C C2     . DC  A 1 11 ? -8.335  8.564   8.378   1.00 0.59 ? 11 DC  A C2     1 
ATOM   329 O O2     . DC  A 1 11 ? -7.763  8.094   9.359   1.00 0.68 ? 11 DC  A O2     1 
ATOM   330 N N3     . DC  A 1 11 ? -7.748  9.515   7.604   1.00 0.59 ? 11 DC  A N3     1 
ATOM   331 C C4     . DC  A 1 11 ? -8.377  10.023  6.539   1.00 0.57 ? 11 DC  A C4     1 
ATOM   332 N N4     . DC  A 1 11 ? -7.766  10.948  5.803   1.00 0.63 ? 11 DC  A N4     1 
ATOM   333 C C5     . DC  A 1 11 ? -9.687  9.584   6.180   1.00 0.62 ? 11 DC  A C5     1 
ATOM   334 C C6     . DC  A 1 11 ? -10.263 8.643   6.949   1.00 0.64 ? 11 DC  A C6     1 
ATOM   335 H "H5'"  . DC  A 1 11 ? -11.781 4.748   6.250   1.00 0.88 ? 11 DC  A "H5'"  1 
ATOM   336 H "H5''" . DC  A 1 11 ? -13.377 4.982   7.015   1.00 0.92 ? 11 DC  A "H5''" 1 
ATOM   337 H "H4'"  . DC  A 1 11 ? -11.607 4.320   8.620   1.00 0.90 ? 11 DC  A "H4'"  1 
ATOM   338 H "H3'"  . DC  A 1 11 ? -13.424 6.376   8.950   1.00 0.93 ? 11 DC  A "H3'"  1 
ATOM   339 H "H2'"  . DC  A 1 11 ? -12.058 8.222   8.617   1.00 0.79 ? 11 DC  A "H2'"  1 
ATOM   340 H "H2''" . DC  A 1 11 ? -11.596 7.915   10.338  1.00 0.87 ? 11 DC  A "H2''" 1 
ATOM   341 H "H1'"  . DC  A 1 11 ? -9.607  6.929   9.757   1.00 0.74 ? 11 DC  A "H1'"  1 
ATOM   342 H H41    . DC  A 1 11 ? -6.835  11.259  6.055   1.00 0.69 ? 11 DC  A H41    1 
ATOM   343 H H42    . DC  A 1 11 ? -8.227  11.337  4.995   1.00 0.68 ? 11 DC  A H42    1 
ATOM   344 H H5     . DC  A 1 11 ? -10.202 9.999   5.313   1.00 0.72 ? 11 DC  A H5     1 
ATOM   345 H H6     . DC  A 1 11 ? -11.261 8.281   6.700   1.00 0.76 ? 11 DC  A H6     1 
ATOM   346 P P      . DG  A 1 12 ? -12.983 6.313   11.884  1.00 1.11 ? 12 DG  A P      1 
ATOM   347 O OP1    . DG  A 1 12 ? -13.375 5.288   12.877  1.00 1.26 ? 12 DG  A OP1    1 
ATOM   348 O OP2    . DG  A 1 12 ? -13.968 7.328   11.446  1.00 1.17 ? 12 DG  A OP2    1 
ATOM   349 O "O5'"  . DG  A 1 12 ? -11.685 7.086   12.444  1.00 1.14 ? 12 DG  A "O5'"  1 
ATOM   350 C "C5'"  . DG  A 1 12 ? -10.687 6.393   13.211  1.00 1.21 ? 12 DG  A "C5'"  1 
ATOM   351 C "C4'"  . DG  A 1 12 ? -9.695  7.343   13.864  1.00 0.45 ? 12 DG  A "C4'"  1 
ATOM   352 O "O4'"  . DG  A 1 12 ? -8.987  8.094   12.872  1.00 1.15 ? 12 DG  A "O4'"  1 
ATOM   353 C "C3'"  . DG  A 1 12 ? -10.413 8.335   14.778  1.00 1.52 ? 12 DG  A "C3'"  1 
ATOM   354 O "O3'"  . DG  A 1 12 ? -9.659  8.572   15.973  1.00 1.72 ? 12 DG  A "O3'"  1 
ATOM   355 C "C2'"  . DG  A 1 12 ? -10.501 9.596   13.932  1.00 1.45 ? 12 DG  A "C2'"  1 
ATOM   356 C "C1'"  . DG  A 1 12 ? -9.228  9.481   13.104  1.00 1.24 ? 12 DG  A "C1'"  1 
ATOM   357 N N9     . DG  A 1 12 ? -9.336  10.218  11.827  1.00 1.12 ? 12 DG  A N9     1 
ATOM   358 C C8     . DG  A 1 12 ? -10.348 10.259  10.922  1.00 1.10 ? 12 DG  A C8     1 
ATOM   359 N N7     . DG  A 1 12 ? -10.174 10.979  9.862   1.00 1.06 ? 12 DG  A N7     1 
ATOM   360 C C5     . DG  A 1 12 ? -8.890  11.491  10.073  1.00 1.05 ? 12 DG  A C5     1 
ATOM   361 C C6     . DG  A 1 12 ? -8.108  12.364  9.267   1.00 1.08 ? 12 DG  A C6     1 
ATOM   362 O O6     . DG  A 1 12 ? -8.392  12.866  8.180   1.00 1.15 ? 12 DG  A O6     1 
ATOM   363 N N1     . DG  A 1 12 ? -6.878  12.629  9.849   1.00 1.11 ? 12 DG  A N1     1 
ATOM   364 C C2     . DG  A 1 12 ? -6.448  12.122  11.055  1.00 1.11 ? 12 DG  A C2     1 
ATOM   365 N N2     . DG  A 1 12 ? -5.235  12.487  11.448  1.00 1.20 ? 12 DG  A N2     1 
ATOM   366 N N3     . DG  A 1 12 ? -7.170  11.303  11.817  1.00 1.10 ? 12 DG  A N3     1 
ATOM   367 C C4     . DG  A 1 12 ? -8.374  11.028  11.273  1.00 1.07 ? 12 DG  A C4     1 
ATOM   368 H "H5'"  . DG  A 1 12 ? -10.117 5.742   12.559  1.00 1.15 ? 12 DG  A "H5'"  1 
ATOM   369 H "H5''" . DG  A 1 12 ? -11.195 5.792   13.981  1.00 1.35 ? 12 DG  A "H5''" 1 
ATOM   370 H "H4'"  . DG  A 1 12 ? -8.979  6.767   14.451  1.00 1.42 ? 12 DG  A "H4'"  1 
ATOM   371 H "H3'"  . DG  A 1 12 ? -11.416 7.970   15.017  1.00 1.61 ? 12 DG  A "H3'"  1 
ATOM   372 H "H2'"  . DG  A 1 12 ? -11.386 9.566   13.290  1.00 1.44 ? 12 DG  A "H2'"  1 
ATOM   373 H "H2''" . DG  A 1 12 ? -10.480 10.494  14.561  1.00 1.62 ? 12 DG  A "H2''" 1 
ATOM   374 H "H1'"  . DG  A 1 12 ? -8.395  9.891   13.677  1.00 1.31 ? 12 DG  A "H1'"  1 
ATOM   375 H H8     . DG  A 1 12 ? -11.277 9.714   11.088  1.00 1.17 ? 12 DG  A H8     1 
ATOM   376 H H1     . DG  A 1 12 ? -6.267  13.246  9.333   1.00 1.18 ? 12 DG  A H1     1 
ATOM   377 H H21    . DG  A 1 12 ? -4.682  13.110  10.875  1.00 1.25 ? 12 DG  A H21    1 
ATOM   378 H H22    . DG  A 1 12 ? -4.863  12.140  12.319  1.00 1.26 ? 12 DG  A H22    1 
ATOM   379 O "O5'"  . DC  B 1 1  ? -2.112  20.338  7.854   1.00 2.05 ? 13 DC  B "O5'"  1 
ATOM   380 C "C5'"  . DC  B 1 1  ? -1.142  19.296  7.674   1.00 1.88 ? 13 DC  B "C5'"  1 
ATOM   381 C "C4'"  . DC  B 1 1  ? -1.093  18.346  8.860   1.00 0.46 ? 13 DC  B "C4'"  1 
ATOM   382 O "O4'"  . DC  B 1 1  ? -2.383  17.774  9.098   1.00 1.63 ? 13 DC  B "O4'"  1 
ATOM   383 C "C3'"  . DC  B 1 1  ? -0.105  17.212  8.604   1.00 1.61 ? 13 DC  B "C3'"  1 
ATOM   384 O "O3'"  . DC  B 1 1  ? 0.712   16.963  9.754   1.00 1.63 ? 13 DC  B "O3'"  1 
ATOM   385 C "C2'"  . DC  B 1 1  ? -0.989  16.010  8.280   1.00 1.46 ? 13 DC  B "C2'"  1 
ATOM   386 C "C1'"  . DC  B 1 1  ? -2.286  16.352  8.999   1.00 1.44 ? 13 DC  B "C1'"  1 
ATOM   387 N N1     . DC  B 1 1  ? -3.451  15.798  8.273   1.00 1.35 ? 13 DC  B N1     1 
ATOM   388 C C2     . DC  B 1 1  ? -4.265  14.898  8.949   1.00 1.25 ? 13 DC  B C2     1 
ATOM   389 O O2     . DC  B 1 1  ? -4.006  14.572  10.105  1.00 1.30 ? 13 DC  B O2     1 
ATOM   390 N N3     . DC  B 1 1  ? -5.346  14.389  8.297   1.00 1.20 ? 13 DC  B N3     1 
ATOM   391 C C4     . DC  B 1 1  ? -5.621  14.745  7.037   1.00 1.25 ? 13 DC  B C4     1 
ATOM   392 N N4     . DC  B 1 1  ? -6.697  14.241  6.436   1.00 1.23 ? 13 DC  B N4     1 
ATOM   393 C C5     . DC  B 1 1  ? -4.786  15.670  6.334   1.00 1.38 ? 13 DC  B C5     1 
ATOM   394 C C6     . DC  B 1 1  ? -3.718  16.169  6.987   1.00 1.42 ? 13 DC  B C6     1 
ATOM   395 H "H5'"  . DC  B 1 1  ? -0.156  19.731  7.577   1.00 1.97 ? 13 DC  B "H5'"  1 
ATOM   396 H "H5''" . DC  B 1 1  ? -1.393  18.742  6.756   1.00 1.85 ? 13 DC  B "H5''" 1 
ATOM   397 H "H4'"  . DC  B 1 1  ? -0.780  18.900  9.746   1.00 1.80 ? 13 DC  B "H4'"  1 
ATOM   398 H "H3'"  . DC  B 1 1  ? 0.518   17.456  7.741   1.00 1.69 ? 13 DC  B "H3'"  1 
ATOM   399 H "H2'"  . DC  B 1 1  ? -1.153  15.940  7.200   1.00 1.49 ? 13 DC  B "H2'"  1 
ATOM   400 H "H2''" . DC  B 1 1  ? -0.557  15.091  8.683   1.00 1.41 ? 13 DC  B "H2''" 1 
ATOM   401 H "H1'"  . DC  B 1 1  ? -2.259  15.927  10.001  1.00 1.43 ? 13 DC  B "H1'"  1 
ATOM   402 H H41    . DC  B 1 1  ? -7.294  13.585  6.926   1.00 1.18 ? 13 DC  B H41    1 
ATOM   403 H H42    . DC  B 1 1  ? -6.919  14.513  5.490   1.00 1.32 ? 13 DC  B H42    1 
ATOM   404 H H5     . DC  B 1 1  ? -5.003  15.956  5.305   1.00 1.50 ? 13 DC  B H5     1 
ATOM   405 H H6     . DC  B 1 1  ? -3.061  16.877  6.480   1.00 1.56 ? 13 DC  B H6     1 
ATOM   406 H "HO5'" . DC  B 1 1  ? -2.921  19.925  8.172   1.00 2.15 ? 13 DC  B "HO5'" 1 
ATOM   407 P P      . DG  B 1 2  ? 1.758   15.733  9.773   1.00 1.64 ? 14 DG  B P      1 
ATOM   408 O OP1    . DG  B 1 2  ? 2.878   16.088  10.669  1.00 1.86 ? 14 DG  B OP1    1 
ATOM   409 O OP2    . DG  B 1 2  ? 2.028   15.332  8.373   1.00 1.69 ? 14 DG  B OP2    1 
ATOM   410 O "O5'"  . DG  B 1 2  ? 0.901   14.562  10.468  1.00 1.44 ? 14 DG  B "O5'"  1 
ATOM   411 C "C5'"  . DG  B 1 2  ? 0.775   14.486  11.895  1.00 1.42 ? 14 DG  B "C5'"  1 
ATOM   412 C "C4'"  . DG  B 1 2  ? 0.257   13.133  12.346  1.00 0.30 ? 14 DG  B "C4'"  1 
ATOM   413 O "O4'"  . DG  B 1 2  ? -1.049  12.892  11.815  1.00 1.15 ? 14 DG  B "O4'"  1 
ATOM   414 C "C3'"  . DG  B 1 2  ? 1.184   12.018  11.867  1.00 1.23 ? 14 DG  B "C3'"  1 
ATOM   415 O "O3'"  . DG  B 1 2  ? 1.436   11.079  12.925  1.00 1.23 ? 14 DG  B "O3'"  1 
ATOM   416 C "C2'"  . DG  B 1 2  ? 0.427   11.381  10.705  1.00 1.14 ? 14 DG  B "C2'"  1 
ATOM   417 C "C1'"  . DG  B 1 2  ? -1.020  11.679  11.068  1.00 1.06 ? 14 DG  B "C1'"  1 
ATOM   418 N N9     . DG  B 1 2  ? -1.858  11.790  9.858   1.00 0.98 ? 14 DG  B N9     1 
ATOM   419 C C8     . DG  B 1 2  ? -1.659  12.508  8.726   1.00 1.01 ? 14 DG  B C8     1 
ATOM   420 N N7     . DG  B 1 2  ? -2.562  12.439  7.807   1.00 0.95 ? 14 DG  B N7     1 
ATOM   421 C C5     . DG  B 1 2  ? -3.487  11.564  8.385   1.00 0.84 ? 14 DG  B C5     1 
ATOM   422 C C6     . DG  B 1 2  ? -4.717  11.074  7.877   1.00 0.75 ? 14 DG  B C6     1 
ATOM   423 O O6     . DG  B 1 2  ? -5.250  11.326  6.803   1.00 0.75 ? 14 DG  B O6     1 
ATOM   424 N N1     . DG  B 1 2  ? -5.333  10.219  8.776   1.00 0.71 ? 14 DG  B N1     1 
ATOM   425 C C2     . DG  B 1 2  ? -4.836  9.874   10.012  1.00 0.75 ? 14 DG  B C2     1 
ATOM   426 N N2     . DG  B 1 2  ? -5.584  9.054   10.740  1.00 0.77 ? 14 DG  B N2     1 
ATOM   427 N N3     . DG  B 1 2  ? -3.683  10.326  10.499  1.00 0.83 ? 14 DG  B N3     1 
ATOM   428 C C4     . DG  B 1 2  ? -3.061  11.163  9.641   1.00 0.87 ? 14 DG  B C4     1 
ATOM   429 H "H5'"  . DG  B 1 2  ? 0.064   15.226  12.239  1.00 1.48 ? 14 DG  B "H5'"  1 
ATOM   430 H "H5''" . DG  B 1 2  ? 1.761   14.681  12.345  1.00 1.52 ? 14 DG  B "H5''" 1 
ATOM   431 H "H4'"  . DG  B 1 2  ? 0.208   13.113  13.433  1.00 1.32 ? 14 DG  B "H4'"  1 
ATOM   432 H "H3'"  . DG  B 1 2  ? 2.124   12.448  11.507  1.00 1.31 ? 14 DG  B "H3'"  1 
ATOM   433 H "H2'"  . DG  B 1 2  ? 0.695   11.874  9.764   1.00 1.18 ? 14 DG  B "H2'"  1 
ATOM   434 H "H2''" . DG  B 1 2  ? 0.602   10.304  10.663  1.00 1.12 ? 14 DG  B "H2''" 1 
ATOM   435 H "H1'"  . DG  B 1 2  ? -1.403  10.870  11.690  1.00 1.03 ? 14 DG  B "H1'"  1 
ATOM   436 H H8     . DG  B 1 2  ? -0.769  13.119  8.593   1.00 1.12 ? 14 DG  B H8     1 
ATOM   437 H H1     . DG  B 1 2  ? -6.214  9.825   8.478   1.00 0.67 ? 14 DG  B H1     1 
ATOM   438 H H21    . DG  B 1 2  ? -6.461  8.709   10.372  1.00 0.74 ? 14 DG  B H21    1 
ATOM   439 H H22    . DG  B 1 2  ? -5.278  8.779   11.660  1.00 0.84 ? 14 DG  B H22    1 
ATOM   440 P P      . DC  B 1 3  ? 2.064   9.625   12.630  1.00 1.22 ? 15 DC  B P      1 
ATOM   441 O OP1    . DC  B 1 3  ? 2.647   9.110   13.888  1.00 1.34 ? 15 DC  B OP1    1 
ATOM   442 O OP2    . DC  B 1 3  ? 2.899   9.711   11.410  1.00 1.30 ? 15 DC  B OP2    1 
ATOM   443 O "O5'"  . DC  B 1 3  ? 0.758   8.751   12.289  1.00 1.10 ? 15 DC  B "O5'"  1 
ATOM   444 C "C5'"  . DC  B 1 3  ? -0.199  8.448   13.316  1.00 1.06 ? 15 DC  B "C5'"  1 
ATOM   445 C "C4'"  . DC  B 1 3  ? -1.257  7.462   12.854  1.00 0.39 ? 15 DC  B "C4'"  1 
ATOM   446 O "O4'"  . DC  B 1 3  ? -2.000  7.997   11.758  1.00 0.94 ? 15 DC  B "O4'"  1 
ATOM   447 C "C3'"  . DC  B 1 3  ? -0.617  6.148   12.403  1.00 0.97 ? 15 DC  B "C3'"  1 
ATOM   448 O "O3'"  . DC  B 1 3  ? -1.345  5.018   12.908  1.00 0.97 ? 15 DC  B "O3'"  1 
ATOM   449 C "C2'"  . DC  B 1 3  ? -0.677  6.218   10.882  1.00 0.94 ? 15 DC  B "C2'"  1 
ATOM   450 C "C1'"  . DC  B 1 3  ? -1.898  7.098   10.656  1.00 0.89 ? 15 DC  B "C1'"  1 
ATOM   451 N N1     . DC  B 1 3  ? -1.796  7.836   9.377   1.00 0.87 ? 15 DC  B N1     1 
ATOM   452 C C2     . DC  B 1 3  ? -2.907  7.828   8.544   1.00 0.80 ? 15 DC  B C2     1 
ATOM   453 O O2     . DC  B 1 3  ? -3.927  7.226   8.872   1.00 0.76 ? 15 DC  B O2     1 
ATOM   454 N N3     . DC  B 1 3  ? -2.833  8.499   7.367   1.00 0.79 ? 15 DC  B N3     1 
ATOM   455 C C4     . DC  B 1 3  ? -1.722  9.152   7.013   1.00 0.86 ? 15 DC  B C4     1 
ATOM   456 N N4     . DC  B 1 3  ? -1.697  9.802   5.853   1.00 0.88 ? 15 DC  B N4     1 
ATOM   457 C C5     . DC  B 1 3  ? -0.574  9.166   7.862   1.00 0.95 ? 15 DC  B C5     1 
ATOM   458 C C6     . DC  B 1 3  ? -0.652  8.499   9.031   1.00 0.95 ? 15 DC  B C6     1 
ATOM   459 H "H5'"  . DC  B 1 3  ? -0.718  9.355   13.602  1.00 1.10 ? 15 DC  B "H5'"  1 
ATOM   460 H "H5''" . DC  B 1 3  ? 0.341   8.042   14.186  1.00 1.11 ? 15 DC  B "H5''" 1 
ATOM   461 H "H4'"  . DC  B 1 3  ? -1.940  7.259   13.679  1.00 0.99 ? 15 DC  B "H4'"  1 
ATOM   462 H "H3'"  . DC  B 1 3  ? 0.425   6.111   12.734  1.00 1.03 ? 15 DC  B "H3'"  1 
ATOM   463 H "H2'"  . DC  B 1 3  ? 0.225   6.697   10.489  1.00 0.99 ? 15 DC  B "H2'"  1 
ATOM   464 H "H2''" . DC  B 1 3  ? -0.828  5.226   10.451  1.00 0.95 ? 15 DC  B "H2''" 1 
ATOM   465 H "H1'"  . DC  B 1 3  ? -2.786  6.468   10.631  1.00 0.86 ? 15 DC  B "H1'"  1 
ATOM   466 H H41    . DC  B 1 3  ? -2.510  9.793   5.251   1.00 0.85 ? 15 DC  B H41    1 
ATOM   467 H H42    . DC  B 1 3  ? -0.866  10.301  5.570   1.00 0.96 ? 15 DC  B H42    1 
ATOM   468 H H5     . DC  B 1 3  ? 0.335   9.694   7.575   1.00 1.04 ? 15 DC  B H5     1 
ATOM   469 H H6     . DC  B 1 3  ? 0.205   8.490   9.702   1.00 1.04 ? 15 DC  B H6     1 
ATOM   470 P P      . DG  B 1 4  ? -1.086  3.533   12.332  1.00 1.00 ? 16 DG  B P      1 
ATOM   471 O OP1    . DG  B 1 4  ? -1.436  2.560   13.390  1.00 1.11 ? 16 DG  B OP1    1 
ATOM   472 O OP2    . DG  B 1 4  ? 0.259   3.500   11.713  1.00 1.11 ? 16 DG  B OP2    1 
ATOM   473 O "O5'"  . DG  B 1 4  ? -2.182  3.417   11.154  1.00 0.90 ? 16 DG  B "O5'"  1 
ATOM   474 C "C5'"  . DG  B 1 4  ? -3.525  2.990   11.442  1.00 0.90 ? 16 DG  B "C5'"  1 
ATOM   475 C "C4'"  . DG  B 1 4  ? -4.206  2.350   10.242  1.00 0.96 ? 16 DG  B "C4'"  1 
ATOM   476 O "O4'"  . DG  B 1 4  ? -4.371  3.299   9.188   1.00 0.79 ? 16 DG  B "O4'"  1 
ATOM   477 C "C3'"  . DG  B 1 4  ? -3.388  1.171   9.706   1.00 0.86 ? 16 DG  B "C3'"  1 
ATOM   478 O "O3'"  . DG  B 1 4  ? -4.239  0.035   9.454   1.00 0.92 ? 16 DG  B "O3'"  1 
ATOM   479 C "C2'"  . DG  B 1 4  ? -2.762  1.722   8.426   1.00 0.79 ? 16 DG  B "C2'"  1 
ATOM   480 C "C1'"  . DG  B 1 4  ? -3.785  2.764   8.005   1.00 0.73 ? 16 DG  B "C1'"  1 
ATOM   481 N N9     . DG  B 1 4  ? -3.155  3.823   7.199   1.00 0.68 ? 16 DG  B N9     1 
ATOM   482 C C8     . DG  B 1 4  ? -1.981  4.476   7.389   1.00 0.72 ? 16 DG  B C8     1 
ATOM   483 N N7     . DG  B 1 4  ? -1.647  5.369   6.521   1.00 0.69 ? 16 DG  B N7     1 
ATOM   484 C C5     . DG  B 1 4  ? -2.725  5.316   5.632   1.00 0.61 ? 16 DG  B C5     1 
ATOM   485 C C6     . DG  B 1 4  ? -2.966  6.060   4.449   1.00 0.59 ? 16 DG  B C6     1 
ATOM   486 O O6     . DG  B 1 4  ? -2.268  6.931   3.939   1.00 0.63 ? 16 DG  B O6     1 
ATOM   487 N N1     . DG  B 1 4  ? -4.166  5.698   3.856   1.00 0.56 ? 16 DG  B N1     1 
ATOM   488 C C2     . DG  B 1 4  ? -5.032  4.742   4.339   1.00 0.56 ? 16 DG  B C2     1 
ATOM   489 N N2     . DG  B 1 4  ? -6.140  4.543   3.638   1.00 0.59 ? 16 DG  B N2     1 
ATOM   490 N N3     . DG  B 1 4  ? -4.816  4.038   5.448   1.00 0.59 ? 16 DG  B N3     1 
ATOM   491 C C4     . DG  B 1 4  ? -3.651  4.372   6.044   1.00 0.61 ? 16 DG  B C4     1 
ATOM   492 H "H5'"  . DG  B 1 4  ? -4.122  3.851   11.719  1.00 0.92 ? 16 DG  B "H5'"  1 
ATOM   493 H "H5''" . DG  B 1 4  ? -3.492  2.279   12.281  1.00 0.97 ? 16 DG  B "H5''" 1 
ATOM   494 H "H4'"  . DG  B 1 4  ? -5.187  1.986   10.546  1.00 0.89 ? 16 DG  B "H4'"  1 
ATOM   495 H "H3'"  . DG  B 1 4  ? -2.601  0.910   10.420  1.00 0.91 ? 16 DG  B "H3'"  1 
ATOM   496 H "H2'"  . DG  B 1 4  ? -1.801  2.196   8.649   1.00 0.81 ? 16 DG  B "H2'"  1 
ATOM   497 H "H2''" . DG  B 1 4  ? -2.665  0.945   7.664   1.00 0.80 ? 16 DG  B "H2''" 1 
ATOM   498 H "H1'"  . DG  B 1 4  ? -4.561  2.280   7.411   1.00 0.73 ? 16 DG  B "H1'"  1 
ATOM   499 H H8     . DG  B 1 4  ? -1.344  4.253   8.243   1.00 0.80 ? 16 DG  B H8     1 
ATOM   500 H H1     . DG  B 1 4  ? -4.401  6.182   3.001   1.00 0.58 ? 16 DG  B H1     1 
ATOM   501 H H21    . DG  B 1 4  ? -6.308  5.072   2.793   1.00 0.61 ? 16 DG  B H21    1 
ATOM   502 H H22    . DG  B 1 4  ? -6.814  3.859   3.949   1.00 0.63 ? 16 DG  B H22    1 
ATOM   503 P P      . DA  B 1 5  ? -3.918  -1.053  8.300   1.00 0.95 ? 17 DA  B P      1 
ATOM   504 O OP1    . DA  B 1 5  ? -4.529  -2.344  8.698   1.00 1.07 ? 17 DA  B OP1    1 
ATOM   505 O OP2    . DA  B 1 5  ? -2.474  -0.992  7.977   1.00 0.94 ? 17 DA  B OP2    1 
ATOM   506 O "O5'"  . DA  B 1 5  ? -4.739  -0.478  7.039   1.00 0.94 ? 17 DA  B "O5'"  1 
ATOM   507 C "C5'"  . DA  B 1 5  ? -6.176  -0.393  7.076   1.00 0.95 ? 17 DA  B "C5'"  1 
ATOM   508 C "C4'"  . DA  B 1 5  ? -6.798  -0.427  5.688   1.00 1.00 ? 17 DA  B "C4'"  1 
ATOM   509 O "O4'"  . DA  B 1 5  ? -6.364  0.689   4.914   1.00 0.77 ? 17 DA  B "O4'"  1 
ATOM   510 C "C3'"  . DA  B 1 5  ? -6.411  -1.703  4.953   1.00 0.87 ? 17 DA  B "C3'"  1 
ATOM   511 O "O3'"  . DA  B 1 5  ? -7.529  -2.238  4.226   1.00 0.89 ? 17 DA  B "O3'"  1 
ATOM   512 C "C2'"  . DA  B 1 5  ? -5.289  -1.263  4.018   1.00 0.80 ? 17 DA  B "C2'"  1 
ATOM   513 C "C1'"  . DA  B 1 5  ? -5.582  0.222   3.813   1.00 0.72 ? 17 DA  B "C1'"  1 
ATOM   514 N N9     . DA  B 1 5  ? -4.327  0.994   3.712   1.00 0.67 ? 17 DA  B N9     1 
ATOM   515 C C8     . DA  B 1 5  ? -3.213  0.939   4.483   1.00 0.71 ? 17 DA  B C8     1 
ATOM   516 N N7     . DA  B 1 5  ? -2.246  1.743   4.194   1.00 0.66 ? 17 DA  B N7     1 
ATOM   517 C C5     . DA  B 1 5  ? -2.768  2.426   3.093   1.00 0.59 ? 17 DA  B C5     1 
ATOM   518 C C6     . DA  B 1 5  ? -2.255  3.440   2.279   1.00 0.56 ? 17 DA  B C6     1 
ATOM   519 N N6     . DA  B 1 5  ? -1.048  3.974   2.460   1.00 0.57 ? 17 DA  B N6     1 
ATOM   520 N N1     . DA  B 1 5  ? -3.035  3.888   1.278   1.00 0.56 ? 17 DA  B N1     1 
ATOM   521 C C2     . DA  B 1 5  ? -4.254  3.367   1.089   1.00 0.57 ? 17 DA  B C2     1 
ATOM   522 N N3     . DA  B 1 5  ? -4.836  2.406   1.798   1.00 0.58 ? 17 DA  B N3     1 
ATOM   523 C C4     . DA  B 1 5  ? -4.034  1.976   2.793   1.00 0.60 ? 17 DA  B C4     1 
ATOM   524 H "H5'"  . DA  B 1 5  ? -6.468  0.546   7.528   1.00 0.98 ? 17 DA  B "H5'"  1 
ATOM   525 H "H5''" . DA  B 1 5  ? -6.560  -1.229  7.680   1.00 1.04 ? 17 DA  B "H5''" 1 
ATOM   526 H "H4'"  . DA  B 1 5  ? -7.884  -0.389  5.786   1.00 0.90 ? 17 DA  B "H4'"  1 
ATOM   527 H "H3'"  . DA  B 1 5  ? -6.032  -2.440  5.665   1.00 0.95 ? 17 DA  B "H3'"  1 
ATOM   528 H "H2'"  . DA  B 1 5  ? -4.319  -1.399  4.503   1.00 0.84 ? 17 DA  B "H2'"  1 
ATOM   529 H "H2''" . DA  B 1 5  ? -5.344  -1.800  3.069   1.00 0.81 ? 17 DA  B "H2''" 1 
ATOM   530 H "H1'"  . DA  B 1 5  ? -6.151  0.349   2.893   1.00 0.69 ? 17 DA  B "H1'"  1 
ATOM   531 H H8     . DA  B 1 5  ? -3.137  0.243   5.318   1.00 0.80 ? 17 DA  B H8     1 
ATOM   532 H H61    . DA  B 1 5  ? -0.722  4.708   1.845   1.00 0.59 ? 17 DA  B H61    1 
ATOM   533 H H62    . DA  B 1 5  ? -0.458  3.647   3.212   1.00 0.60 ? 17 DA  B H62    1 
ATOM   534 H H2     . DA  B 1 5  ? -4.835  3.775   0.262   1.00 0.60 ? 17 DA  B H2     1 
ATOM   535 P P      . DA  B 1 6  ? -7.355  -3.491  3.224   1.00 0.93 ? 18 DA  B P      1 
ATOM   536 O OP1    . DA  B 1 6  ? -8.612  -4.272  3.239   1.00 1.03 ? 18 DA  B OP1    1 
ATOM   537 O OP2    . DA  B 1 6  ? -6.069  -4.158  3.523   1.00 0.97 ? 18 DA  B OP2    1 
ATOM   538 O "O5'"  . DA  B 1 6  ? -7.228  -2.771  1.792   1.00 0.87 ? 18 DA  B "O5'"  1 
ATOM   539 C "C5'"  . DA  B 1 6  ? -8.351  -2.083  1.215   1.00 0.86 ? 18 DA  B "C5'"  1 
ATOM   540 C "C4'"  . DA  B 1 6  ? -8.077  -1.625  -0.208  1.00 0.20 ? 18 DA  B "C4'"  1 
ATOM   541 O "O4'"  . DA  B 1 6  ? -7.044  -0.641  -0.232  1.00 0.70 ? 18 DA  B "O4'"  1 
ATOM   542 C "C3'"  . DA  B 1 6  ? -7.640  -2.803  -1.069  1.00 0.76 ? 18 DA  B "C3'"  1 
ATOM   543 O "O3'"  . DA  B 1 6  ? -8.253  -2.760  -2.363  1.00 0.77 ? 18 DA  B "O3'"  1 
ATOM   544 C "C2'"  . DA  B 1 6  ? -6.127  -2.650  -1.166  1.00 0.70 ? 18 DA  B "C2'"  1 
ATOM   545 C "C1'"  . DA  B 1 6  ? -5.928  -1.151  -0.962  1.00 0.64 ? 18 DA  B "C1'"  1 
ATOM   546 N N9     . DA  B 1 6  ? -4.672  -0.888  -0.234  1.00 0.62 ? 18 DA  B N9     1 
ATOM   547 C C8     . DA  B 1 6  ? -4.164  -1.508  0.859   1.00 0.64 ? 18 DA  B C8     1 
ATOM   548 N N7     . DA  B 1 6  ? -3.036  -1.083  1.318   1.00 0.63 ? 18 DA  B N7     1 
ATOM   549 C C5     . DA  B 1 6  ? -2.745  -0.048  0.426   1.00 0.59 ? 18 DA  B C5     1 
ATOM   550 C C6     . DA  B 1 6  ? -1.671  0.841   0.334   1.00 0.59 ? 18 DA  B C6     1 
ATOM   551 N N6     . DA  B 1 6  ? -0.653  0.833   1.191   1.00 0.61 ? 18 DA  B N6     1 
ATOM   552 N N1     . DA  B 1 6  ? -1.691  1.737   -0.668  1.00 0.59 ? 18 DA  B N1     1 
ATOM   553 C C2     . DA  B 1 6  ? -2.714  1.762   -1.531  1.00 0.58 ? 18 DA  B C2     1 
ATOM   554 N N3     . DA  B 1 6  ? -3.781  0.968   -1.533  1.00 0.58 ? 18 DA  B N3     1 
ATOM   555 C C4     . DA  B 1 6  ? -3.733  0.078   -0.522  1.00 0.58 ? 18 DA  B C4     1 
ATOM   556 H "H5'"  . DA  B 1 6  ? -8.568  -1.195  1.794   1.00 0.90 ? 18 DA  B "H5'"  1 
ATOM   557 H "H5''" . DA  B 1 6  ? -9.220  -2.758  1.232   1.00 0.97 ? 18 DA  B "H5''" 1 
ATOM   558 H "H4'"  . DA  B 1 6  ? -8.987  -1.197  -0.627  1.00 0.79 ? 18 DA  B "H4'"  1 
ATOM   559 H "H3'"  . DA  B 1 6  ? -7.886  -3.741  -0.564  1.00 0.84 ? 18 DA  B "H3'"  1 
ATOM   560 H "H2'"  . DA  B 1 6  ? -5.640  -3.215  -0.365  1.00 0.75 ? 18 DA  B "H2'"  1 
ATOM   561 H "H2''" . DA  B 1 6  ? -5.769  -2.958  -2.152  1.00 0.71 ? 18 DA  B "H2''" 1 
ATOM   562 H "H1'"  . DA  B 1 6  ? -5.883  -0.661  -1.934  1.00 0.64 ? 18 DA  B "H1'"  1 
ATOM   563 H H8     . DA  B 1 6  ? -4.684  -2.341  1.328   1.00 0.69 ? 18 DA  B H8     1 
ATOM   564 H H61    . DA  B 1 6  ? 0.102   1.498   1.085   1.00 0.63 ? 18 DA  B H61    1 
ATOM   565 H H62    . DA  B 1 6  ? -0.635  0.166   1.949   1.00 0.64 ? 18 DA  B H62    1 
ATOM   566 H H2     . DA  B 1 6  ? -2.669  2.512   -2.320  1.00 0.61 ? 18 DA  B H2     1 
ATOM   567 P P      . DT  B 1 7  ? -7.968  -3.919  -3.446  1.00 0.79 ? 19 DT  B P      1 
ATOM   568 O OP1    . DT  B 1 7  ? -9.219  -4.168  -4.199  1.00 0.89 ? 19 DT  B OP1    1 
ATOM   569 O OP2    . DT  B 1 7  ? -7.281  -5.040  -2.764  1.00 0.83 ? 19 DT  B OP2    1 
ATOM   570 O "O5'"  . DT  B 1 7  ? -6.915  -3.216  -4.436  1.00 0.74 ? 19 DT  B "O5'"  1 
ATOM   571 C "C5'"  . DT  B 1 7  ? -7.288  -2.065  -5.205  1.00 0.74 ? 19 DT  B "C5'"  1 
ATOM   572 C "C4'"  . DT  B 1 7  ? -6.099  -1.442  -5.914  1.00 0.20 ? 19 DT  B "C4'"  1 
ATOM   573 O "O4'"  . DT  B 1 7  ? -5.151  -0.963  -4.962  1.00 0.65 ? 19 DT  B "O4'"  1 
ATOM   574 C "C3'"  . DT  B 1 7  ? -5.416  -2.471  -6.813  1.00 0.66 ? 19 DT  B "C3'"  1 
ATOM   575 O "O3'"  . DT  B 1 7  ? -5.202  -1.954  -8.131  1.00 0.69 ? 19 DT  B "O3'"  1 
ATOM   576 C "C2'"  . DT  B 1 7  ? -4.094  -2.771  -6.120  1.00 0.62 ? 19 DT  B "C2'"  1 
ATOM   577 C "C1'"  . DT  B 1 7  ? -3.879  -1.532  -5.257  1.00 0.60 ? 19 DT  B "C1'"  1 
ATOM   578 N N1     . DT  B 1 7  ? -3.151  -1.867  -4.014  1.00 0.57 ? 19 DT  B N1     1 
ATOM   579 C C2     . DT  B 1 7  ? -2.134  -1.015  -3.624  1.00 0.55 ? 19 DT  B C2     1 
ATOM   580 O O2     . DT  B 1 7  ? -1.839  -0.010  -4.264  1.00 0.56 ? 19 DT  B O2     1 
ATOM   581 N N3     . DT  B 1 7  ? -1.462  -1.362  -2.467  1.00 0.54 ? 19 DT  B N3     1 
ATOM   582 C C4     . DT  B 1 7  ? -1.715  -2.469  -1.679  1.00 0.56 ? 19 DT  B C4     1 
ATOM   583 O O4     . DT  B 1 7  ? -1.059  -2.681  -0.662  1.00 0.57 ? 19 DT  B O4     1 
ATOM   584 C C5     . DT  B 1 7  ? -2.789  -3.300  -2.161  1.00 0.60 ? 19 DT  B C5     1 
ATOM   585 C C7     . DT  B 1 7  ? -3.154  -4.569  -1.397  1.00 0.66 ? 19 DT  B C7     1 
ATOM   586 C C6     . DT  B 1 7  ? -3.463  -2.986  -3.286  1.00 0.60 ? 19 DT  B C6     1 
ATOM   587 H "H5'"  . DT  B 1 7  ? -7.696  -1.306  -4.550  1.00 0.77 ? 19 DT  B "H5'"  1 
ATOM   588 H "H5''" . DT  B 1 7  ? -8.050  -2.367  -5.940  1.00 0.79 ? 19 DT  B "H5''" 1 
ATOM   589 H "H4'"  . DT  B 1 7  ? -6.443  -0.607  -6.525  1.00 0.71 ? 19 DT  B "H4'"  1 
ATOM   590 H "H3'"  . DT  B 1 7  ? -6.021  -3.380  -6.858  1.00 0.70 ? 19 DT  B "H3'"  1 
ATOM   591 H "H2'"  . DT  B 1 7  ? -4.191  -3.663  -5.498  1.00 0.63 ? 19 DT  B "H2'"  1 
ATOM   592 H "H2''" . DT  B 1 7  ? -3.288  -2.875  -6.849  1.00 0.63 ? 19 DT  B "H2''" 1 
ATOM   593 H "H1'"  . DT  B 1 7  ? -3.292  -0.808  -5.823  1.00 0.62 ? 19 DT  B "H1'"  1 
ATOM   594 H H3     . DT  B 1 7  ? -0.715  -0.751  -2.173  1.00 0.55 ? 19 DT  B H3     1 
ATOM   595 H H71    . DT  B 1 7  ? -2.955  -5.438  -2.023  1.00 1.01 ? 19 DT  B H71    1 
ATOM   596 H H72    . DT  B 1 7  ? -4.208  -4.548  -1.133  1.00 1.24 ? 19 DT  B H72    1 
ATOM   597 H H73    . DT  B 1 7  ? -2.557  -4.631  -0.489  1.00 1.28 ? 19 DT  B H73    1 
ATOM   598 H H6     . DT  B 1 7  ? -4.278  -3.630  -3.614  1.00 0.65 ? 19 DT  B H6     1 
ATOM   599 P P      . DT  B 1 8  ? -4.434  -2.835  -9.241  1.00 0.70 ? 20 DT  B P      1 
ATOM   600 O OP1    . DT  B 1 8  ? -5.056  -2.567  -10.558 1.00 0.80 ? 20 DT  B OP1    1 
ATOM   601 O OP2    . DT  B 1 8  ? -4.332  -4.227  -8.744  1.00 0.72 ? 20 DT  B OP2    1 
ATOM   602 O "O5'"  . DT  B 1 8  ? -2.960  -2.194  -9.237  1.00 0.67 ? 20 DT  B "O5'"  1 
ATOM   603 C "C5'"  . DT  B 1 8  ? -2.759  -0.844  -9.678  1.00 0.68 ? 20 DT  B "C5'"  1 
ATOM   604 C "C4'"  . DT  B 1 8  ? -1.308  -0.403  -9.580  1.00 1.00 ? 20 DT  B "C4'"  1 
ATOM   605 O "O4'"  . DT  B 1 8  ? -0.850  -0.475  -8.233  1.00 0.61 ? 20 DT  B "O4'"  1 
ATOM   606 C "C3'"  . DT  B 1 8  ? -0.404  -1.281  -10.447 1.00 0.63 ? 20 DT  B "C3'"  1 
ATOM   607 O "O3'"  . DT  B 1 8  ? 0.535   -0.487  -11.176 1.00 0.66 ? 20 DT  B "O3'"  1 
ATOM   608 C "C2'"  . DT  B 1 8  ? 0.304   -2.193  -9.453  1.00 0.57 ? 20 DT  B "C2'"  1 
ATOM   609 C "C1'"  . DT  B 1 8  ? 0.240   -1.392  -8.155  1.00 0.55 ? 20 DT  B "C1'"  1 
ATOM   610 N N1     . DT  B 1 8  ? 0.079   -2.278  -6.982  1.00 0.52 ? 20 DT  B N1     1 
ATOM   611 C C2     . DT  B 1 8  ? 0.851   -2.001  -5.872  1.00 0.52 ? 20 DT  B C2     1 
ATOM   612 O O2     . DT  B 1 8  ? 1.648   -1.066  -5.846  1.00 0.56 ? 20 DT  B O2     1 
ATOM   613 N N3     . DT  B 1 8  ? 0.671   -2.830  -4.783  1.00 0.52 ? 20 DT  B N3     1 
ATOM   614 C C4     . DT  B 1 8  ? -0.205  -3.898  -4.708  1.00 0.51 ? 20 DT  B C4     1 
ATOM   615 O O4     . DT  B 1 8  ? -0.300  -4.564  -3.678  1.00 0.53 ? 20 DT  B O4     1 
ATOM   616 C C5     . DT  B 1 8  ? -0.969  -4.116  -5.912  1.00 0.52 ? 20 DT  B C5     1 
ATOM   617 C C7     . DT  B 1 8  ? -1.958  -5.278  -5.969  1.00 0.56 ? 20 DT  B C7     1 
ATOM   618 C C6     . DT  B 1 8  ? -0.813  -3.320  -6.989  1.00 0.53 ? 20 DT  B C6     1 
ATOM   619 H "H5'"  . DT  B 1 8  ? -3.331  -0.174  -9.049  1.00 0.72 ? 20 DT  B "H5'"  1 
ATOM   620 H "H5''" . DT  B 1 8  ? -3.108  -0.761  -10.717 1.00 0.75 ? 20 DT  B "H5''" 1 
ATOM   621 H "H4'"  . DT  B 1 8  ? -1.231  0.628   -9.921  1.00 0.67 ? 20 DT  B "H4'"  1 
ATOM   622 H "H3'"  . DT  B 1 8  ? -1.012  -1.897  -11.125 1.00 0.68 ? 20 DT  B "H3'"  1 
ATOM   623 H "H2'"  . DT  B 1 8  ? -0.240  -3.136  -9.354  1.00 0.58 ? 20 DT  B "H2'"  1 
ATOM   624 H "H2''" . DT  B 1 8  ? 1.342   -2.356  -9.750  1.00 0.59 ? 20 DT  B "H2''" 1 
ATOM   625 H "H1'"  . DT  B 1 8  ? 1.169   -0.835  -8.045  1.00 0.57 ? 20 DT  B "H1'"  1 
ATOM   626 H H3     . DT  B 1 8  ? 1.236   -2.644  -3.968  1.00 0.55 ? 20 DT  B H3     1 
ATOM   627 H H71    . DT  B 1 8  ? -1.438  -6.206  -5.745  1.00 1.10 ? 20 DT  B H71    1 
ATOM   628 H H72    . DT  B 1 8  ? -2.395  -5.338  -6.962  1.00 1.08 ? 20 DT  B H72    1 
ATOM   629 H H73    . DT  B 1 8  ? -2.744  -5.121  -5.237  1.00 1.30 ? 20 DT  B H73    1 
ATOM   630 H H6     . DT  B 1 8  ? -1.415  -3.506  -7.878  1.00 0.57 ? 20 DT  B H6     1 
ATOM   631 P P      . DC  B 1 9  ? 2.208   -3.894  -12.207 1.00 0.81 ? 21 DC  B P      1 
ATOM   632 O OP1    . DC  B 1 9  ? 3.071   -3.655  -13.385 1.00 0.95 ? 21 DC  B OP1    1 
ATOM   633 O OP2    . DC  B 1 9  ? 1.929   -5.281  -11.768 1.00 0.89 ? 21 DC  B OP2    1 
ATOM   634 O "O5'"  . DC  B 1 9  ? 2.826   -3.089  -10.953 1.00 0.73 ? 21 DC  B "O5'"  1 
ATOM   635 C "C5'"  . DC  B 1 9  ? 3.406   -1.782  -11.121 1.00 0.74 ? 21 DC  B "C5'"  1 
ATOM   636 C "C4'"  . DC  B 1 9  ? 4.640   -1.581  -10.255 1.00 0.96 ? 21 DC  B "C4'"  1 
ATOM   637 O "O4'"  . DC  B 1 9  ? 4.316   -1.732  -8.874  1.00 0.64 ? 21 DC  B "O4'"  1 
ATOM   638 C "C3'"  . DC  B 1 9  ? 5.706   -2.607  -10.607 1.00 0.65 ? 21 DC  B "C3'"  1 
ATOM   639 O "O3'"  . DC  B 1 9  ? 7.018   -2.032  -10.560 1.00 0.70 ? 21 DC  B "O3'"  1 
ATOM   640 C "C2'"  . DC  B 1 9  ? 5.535   -3.685  -9.548  1.00 0.60 ? 21 DC  B "C2'"  1 
ATOM   641 C "C1'"  . DC  B 1 9  ? 4.951   -2.909  -8.370  1.00 0.58 ? 21 DC  B "C1'"  1 
ATOM   642 N N1     . DC  B 1 9  ? 3.984   -3.751  -7.642  1.00 0.55 ? 21 DC  B N1     1 
ATOM   643 C C2     . DC  B 1 9  ? 4.295   -4.131  -6.344  1.00 0.54 ? 21 DC  B C2     1 
ATOM   644 O O2     . DC  B 1 9  ? 5.329   -3.736  -5.809  1.00 0.57 ? 21 DC  B O2     1 
ATOM   645 N N3     . DC  B 1 9  ? 3.423   -4.944  -5.687  1.00 0.53 ? 21 DC  B N3     1 
ATOM   646 C C4     . DC  B 1 9  ? 2.297   -5.363  -6.274  1.00 0.54 ? 21 DC  B C4     1 
ATOM   647 N N4     . DC  B 1 9  ? 1.474   -6.169  -5.603  1.00 0.56 ? 21 DC  B N4     1 
ATOM   648 C C5     . DC  B 1 9  ? 1.970   -4.969  -7.607  1.00 0.56 ? 21 DC  B C5     1 
ATOM   649 C C6     . DC  B 1 9  ? 2.837   -4.167  -8.250  1.00 0.57 ? 21 DC  B C6     1 
ATOM   650 H "H5'"  . DC  B 1 9  ? 2.690   -1.028  -10.825 1.00 0.79 ? 21 DC  B "H5'"  1 
ATOM   651 H "H5''" . DC  B 1 9  ? 3.667   -1.647  -12.181 1.00 0.80 ? 21 DC  B "H5''" 1 
ATOM   652 H "H4'"  . DC  B 1 9  ? 5.036   -0.579  -10.422 1.00 0.72 ? 21 DC  B "H4'"  1 
ATOM   653 H "H3'"  . DC  B 1 9  ? 5.508   -3.024  -11.598 1.00 0.71 ? 21 DC  B "H3'"  1 
ATOM   654 H "H2'"  . DC  B 1 9  ? 4.827   -4.445  -9.895  1.00 0.62 ? 21 DC  B "H2'"  1 
ATOM   655 H "H2''" . DC  B 1 9  ? 6.495   -4.123  -9.279  1.00 0.62 ? 21 DC  B "H2''" 1 
ATOM   656 H "H1'"  . DC  B 1 9  ? 5.756   -2.623  -7.694  1.00 0.61 ? 21 DC  B "H1'"  1 
ATOM   657 H H41    . DC  B 1 9  ? 1.707   -6.454  -4.660  1.00 0.57 ? 21 DC  B H41    1 
ATOM   658 H H42    . DC  B 1 9  ? 0.625   -6.499  -6.037  1.00 0.59 ? 21 DC  B H42    1 
ATOM   659 H H5     . DC  B 1 9  ? 1.051   -5.306  -8.088  1.00 0.61 ? 21 DC  B H5     1 
ATOM   660 H H6     . DC  B 1 9  ? 2.625   -3.841  -9.266  1.00 0.61 ? 21 DC  B H6     1 
ATOM   661 P P      . DG  B 1 10 ? 8.311   -2.913  -10.940 1.00 0.73 ? 22 DG  B P      1 
ATOM   662 O OP1    . DG  B 1 10 ? 9.420   -1.990  -11.270 1.00 0.85 ? 22 DG  B OP1    1 
ATOM   663 O OP2    . DG  B 1 10 ? 7.898   -3.948  -11.915 1.00 0.84 ? 22 DG  B OP2    1 
ATOM   664 O "O5'"  . DG  B 1 10 ? 8.656   -3.646  -9.549  1.00 0.58 ? 22 DG  B "O5'"  1 
ATOM   665 C "C5'"  . DG  B 1 10 ? 9.401   -2.963  -8.528  1.00 0.59 ? 22 DG  B "C5'"  1 
ATOM   666 C "C4'"  . DG  B 1 10 ? 9.903   -3.903  -7.443  1.00 0.39 ? 22 DG  B "C4'"  1 
ATOM   667 O "O4'"  . DG  B 1 10 ? 8.815   -4.492  -6.728  1.00 0.49 ? 22 DG  B "O4'"  1 
ATOM   668 C "C3'"  . DG  B 1 10 ? 10.749  -5.030  -8.043  1.00 0.52 ? 22 DG  B "C3'"  1 
ATOM   669 O "O3'"  . DG  B 1 10 ? 11.986  -5.169  -7.325  1.00 0.59 ? 22 DG  B "O3'"  1 
ATOM   670 C "C2'"  . DG  B 1 10 ? 9.867   -6.266  -7.898  1.00 0.47 ? 22 DG  B "C2'"  1 
ATOM   671 C "C1'"  . DG  B 1 10 ? 9.021   -5.899  -6.691  1.00 0.45 ? 22 DG  B "C1'"  1 
ATOM   672 N N9     . DG  B 1 10 ? 7.739   -6.628  -6.690  1.00 0.43 ? 22 DG  B N9     1 
ATOM   673 C C8     . DG  B 1 10 ? 6.852   -6.842  -7.696  1.00 0.45 ? 22 DG  B C8     1 
ATOM   674 N N7     . DG  B 1 10 ? 5.791   -7.524  -7.424  1.00 0.47 ? 22 DG  B N7     1 
ATOM   675 C C5     . DG  B 1 10 ? 5.977   -7.810  -6.067  1.00 0.44 ? 22 DG  B C5     1 
ATOM   676 C C6     . DG  B 1 10 ? 5.157   -8.538  -5.165  1.00 0.48 ? 22 DG  B C6     1 
ATOM   677 O O6     . DG  B 1 10 ? 4.078   -9.081  -5.382  1.00 0.53 ? 22 DG  B O6     1 
ATOM   678 N N1     . DG  B 1 10 ? 5.716   -8.588  -3.898  1.00 0.49 ? 22 DG  B N1     1 
ATOM   679 C C2     . DG  B 1 10 ? 6.912   -8.014  -3.534  1.00 0.47 ? 22 DG  B C2     1 
ATOM   680 N N2     . DG  B 1 10 ? 7.285   -8.176  -2.270  1.00 0.52 ? 22 DG  B N2     1 
ATOM   681 N N3     . DG  B 1 10 ? 7.689   -7.328  -4.370  1.00 0.44 ? 22 DG  B N3     1 
ATOM   682 C C4     . DG  B 1 10 ? 7.168   -7.264  -5.614  1.00 0.42 ? 22 DG  B C4     1 
ATOM   683 H "H5'"  . DG  B 1 10 ? 8.764   -2.237  -8.042  1.00 0.68 ? 22 DG  B "H5'"  1 
ATOM   684 H "H5''" . DG  B 1 10 ? 10.251  -2.451  -9.003  1.00 0.70 ? 22 DG  B "H5''" 1 
ATOM   685 H "H4'"  . DG  B 1 10 ? 10.519  -3.337  -6.744  1.00 0.59 ? 22 DG  B "H4'"  1 
ATOM   686 H "H3'"  . DG  B 1 10 ? 10.940  -4.830  -9.102  1.00 0.58 ? 22 DG  B "H3'"  1 
ATOM   687 H "H2'"  . DG  B 1 10 ? 9.236   -6.391  -8.786  1.00 0.49 ? 22 DG  B "H2'"  1 
ATOM   688 H "H2''" . DG  B 1 10 ? 10.466  -7.157  -7.697  1.00 0.53 ? 22 DG  B "H2''" 1 
ATOM   689 H "H1'"  . DG  B 1 10 ? 9.572   -6.151  -5.784  1.00 0.49 ? 22 DG  B "H1'"  1 
ATOM   690 H H8     . DG  B 1 10 ? 7.034   -6.459  -8.699  1.00 0.49 ? 22 DG  B H8     1 
ATOM   691 H H1     . DG  B 1 10 ? 5.186   -9.096  -3.204  1.00 0.54 ? 22 DG  B H1     1 
ATOM   692 H H21    . DG  B 1 10 ? 6.701   -8.701  -1.633  1.00 0.56 ? 22 DG  B H21    1 
ATOM   693 H H22    . DG  B 1 10 ? 8.153   -7.777  -1.947  1.00 0.54 ? 22 DG  B H22    1 
ATOM   694 P P      . DC  B 1 11 ? 12.935  -6.462  -7.507  1.00 0.68 ? 23 DC  B P      1 
ATOM   695 O OP1    . DC  B 1 11 ? 14.341  -6.009  -7.469  1.00 0.83 ? 23 DC  B OP1    1 
ATOM   696 O OP2    . DC  B 1 11 ? 12.446  -7.250  -8.662  1.00 0.77 ? 23 DC  B OP2    1 
ATOM   697 O "O5'"  . DC  B 1 11 ? 12.642  -7.301  -6.165  1.00 0.62 ? 23 DC  B "O5'"  1 
ATOM   698 C "C5'"  . DC  B 1 11 ? 13.106  -6.824  -4.893  1.00 0.57 ? 23 DC  B "C5'"  1 
ATOM   699 C "C4'"  . DC  B 1 11 ? 12.970  -7.869  -3.797  1.00 0.30 ? 23 DC  B "C4'"  1 
ATOM   700 O "O4'"  . DC  B 1 11 ? 11.610  -8.271  -3.658  1.00 0.54 ? 23 DC  B "O4'"  1 
ATOM   701 C "C3'"  . DC  B 1 11 ? 13.807  -9.102  -4.119  1.00 0.57 ? 23 DC  B "C3'"  1 
ATOM   702 O "O3'"  . DC  B 1 11 ? 14.456  -9.601  -2.941  1.00 0.63 ? 23 DC  B "O3'"  1 
ATOM   703 C "C2'"  . DC  B 1 11 ? 12.797  -10.101 -4.668  1.00 0.59 ? 23 DC  B "C2'"  1 
ATOM   704 C "C1'"  . DC  B 1 11 ? 11.491  -9.648  -4.019  1.00 0.54 ? 23 DC  B "C1'"  1 
ATOM   705 N N1     . DC  B 1 11 ? 10.350  -9.844  -4.939  1.00 0.54 ? 23 DC  B N1     1 
ATOM   706 C C2     . DC  B 1 11 ? 9.255   -10.544 -4.458  1.00 0.57 ? 23 DC  B C2     1 
ATOM   707 O O2     . DC  B 1 11 ? 9.254   -10.982 -3.311  1.00 0.62 ? 23 DC  B O2     1 
ATOM   708 N N3     . DC  B 1 11 ? 8.192   -10.728 -5.285  1.00 0.60 ? 23 DC  B N3     1 
ATOM   709 C C4     . DC  B 1 11 ? 8.199   -10.251 -6.533  1.00 0.61 ? 23 DC  B C4     1 
ATOM   710 N N4     . DC  B 1 11 ? 7.137   -10.457 -7.310  1.00 0.67 ? 23 DC  B N4     1 
ATOM   711 C C5     . DC  B 1 11 ? 9.323   -9.529  -7.039  1.00 0.61 ? 23 DC  B C5     1 
ATOM   712 C C6     . DC  B 1 11 ? 10.372  -9.350  -6.213  1.00 0.57 ? 23 DC  B C6     1 
ATOM   713 H "H5'"  . DC  B 1 11 ? 12.510  -5.973  -4.589  1.00 0.60 ? 23 DC  B "H5'"  1 
ATOM   714 H "H5''" . DC  B 1 11 ? 14.158  -6.522  -4.995  1.00 0.62 ? 23 DC  B "H5''" 1 
ATOM   715 H "H4'"  . DC  B 1 11 ? 13.313  -7.441  -2.854  1.00 0.56 ? 23 DC  B "H4'"  1 
ATOM   716 H "H3'"  . DC  B 1 11 ? 14.545  -8.859  -4.887  1.00 0.63 ? 23 DC  B "H3'"  1 
ATOM   717 H "H2'"  . DC  B 1 11 ? 12.734  -10.018 -5.757  1.00 0.63 ? 23 DC  B "H2'"  1 
ATOM   718 H "H2''" . DC  B 1 11 ? 13.047  -11.118 -4.355  1.00 0.64 ? 23 DC  B "H2''" 1 
ATOM   719 H "H1'"  . DC  B 1 11 ? 11.322  -10.237 -3.118  1.00 0.58 ? 23 DC  B "H1'"  1 
ATOM   720 H H41    . DC  B 1 11 ? 6.341   -10.968 -6.950  1.00 0.70 ? 23 DC  B H41    1 
ATOM   721 H H42    . DC  B 1 11 ? 7.126   -10.105 -8.256  1.00 0.71 ? 23 DC  B H42    1 
ATOM   722 H H5     . DC  B 1 11 ? 9.333   -9.140  -8.057  1.00 0.67 ? 23 DC  B H5     1 
ATOM   723 H H6     . DC  B 1 11 ? 11.246  -8.801  -6.564  1.00 0.59 ? 23 DC  B H6     1 
ATOM   724 P P      . DG  B 1 12 ? 15.295  -10.978 -2.975  1.00 0.75 ? 24 DG  B P      1 
ATOM   725 O OP1    . DG  B 1 12 ? 16.295  -10.936 -1.884  1.00 0.87 ? 24 DG  B OP1    1 
ATOM   726 O OP2    . DG  B 1 12 ? 15.732  -11.226 -4.367  1.00 0.90 ? 24 DG  B OP2    1 
ATOM   727 O "O5'"  . DG  B 1 12 ? 14.183  -12.077 -2.596  1.00 0.75 ? 24 DG  B "O5'"  1 
ATOM   728 C "C5'"  . DG  B 1 12 ? 13.860  -12.355 -1.225  1.00 0.75 ? 24 DG  B "C5'"  1 
ATOM   729 C "C4'"  . DG  B 1 12 ? 13.003  -13.601 -1.077  1.00 0.45 ? 24 DG  B "C4'"  1 
ATOM   730 O "O4'"  . DG  B 1 12 ? 11.771  -13.453 -1.791  1.00 0.82 ? 24 DG  B "O4'"  1 
ATOM   731 C "C3'"  . DG  B 1 12 ? 13.729  -14.826 -1.635  1.00 1.02 ? 24 DG  B "C3'"  1 
ATOM   732 O "O3'"  . DG  B 1 12 ? 13.512  -15.976 -0.808  1.00 1.23 ? 24 DG  B "O3'"  1 
ATOM   733 C "C2'"  . DG  B 1 12 ? 13.100  -15.008 -3.006  1.00 1.01 ? 24 DG  B "C2'"  1 
ATOM   734 C "C1'"  . DG  B 1 12 ? 11.688  -14.506 -2.750  1.00 0.91 ? 24 DG  B "C1'"  1 
ATOM   735 N N9     . DG  B 1 12 ? 11.049  -14.048 -4.001  1.00 0.83 ? 24 DG  B N9     1 
ATOM   736 C C8     . DG  B 1 12 ? 11.551  -13.301 -5.015  1.00 0.80 ? 24 DG  B C8     1 
ATOM   737 N N7     . DG  B 1 12 ? 10.768  -13.043 -6.011  1.00 0.81 ? 24 DG  B N7     1 
ATOM   738 C C5     . DG  B 1 12 ? 9.592   -13.697 -5.626  1.00 0.81 ? 24 DG  B C5     1 
ATOM   739 C C6     . DG  B 1 12 ? 8.343   -13.798 -6.292  1.00 0.85 ? 24 DG  B C6     1 
ATOM   740 O O6     . DG  B 1 12 ? 8.015   -13.326 -7.379  1.00 0.90 ? 24 DG  B O6     1 
ATOM   741 N N1     . DG  B 1 12 ? 7.434   -14.545 -5.559  1.00 0.87 ? 24 DG  B N1     1 
ATOM   742 C C2     . DG  B 1 12 ? 7.689   -15.126 -4.335  1.00 0.90 ? 24 DG  B C2     1 
ATOM   743 N N2     . DG  B 1 12 ? 6.695   -15.814 -3.788  1.00 0.97 ? 24 DG  B N2     1 
ATOM   744 N N3     . DG  B 1 12 ? 8.856   -15.037 -3.703  1.00 0.89 ? 24 DG  B N3     1 
ATOM   745 C C4     . DG  B 1 12 ? 9.760   -14.314 -4.396  1.00 0.83 ? 24 DG  B C4     1 
ATOM   746 H "H5'"  . DG  B 1 12 ? 13.291  -11.532 -0.811  1.00 0.76 ? 24 DG  B "H5'"  1 
ATOM   747 H "H5''" . DG  B 1 12 ? 14.798  -12.477 -0.662  1.00 0.80 ? 24 DG  B "H5''" 1 
ATOM   748 H "H4'"  . DG  B 1 12 ? 12.786  -13.763 -0.021  1.00 0.98 ? 24 DG  B "H4'"  1 
ATOM   749 H "H3'"  . DG  B 1 12 ? 14.795  -14.617 -1.733  1.00 1.03 ? 24 DG  B "H3'"  1 
ATOM   750 H "HO3'" . DG  B 1 12 ? 14.074  -16.678 -1.143  1.00 1.65 ? 24 DG  B "HO3'" 1 
ATOM   751 H "H2'"  . DG  B 1 12 ? 13.604  -14.377 -3.745  1.00 0.97 ? 24 DG  B "H2'"  1 
ATOM   752 H "H2''" . DG  B 1 12 ? 13.093  -16.062 -3.300  1.00 1.18 ? 24 DG  B "H2''" 1 
ATOM   753 H "H1'"  . DG  B 1 12 ? 11.094  -15.317 -2.326  1.00 1.04 ? 24 DG  B "H1'"  1 
ATOM   754 H H8     . DG  B 1 12 ? 12.578  -12.941 -4.999  1.00 0.81 ? 24 DG  B H8     1 
ATOM   755 H H1     . DG  B 1 12 ? 6.520   -14.661 -5.972  1.00 0.90 ? 24 DG  B H1     1 
ATOM   756 H H21    . DG  B 1 12 ? 5.806   -15.888 -4.265  1.00 0.99 ? 24 DG  B H21    1 
ATOM   757 H H22    . DG  B 1 12 ? 6.827   -16.265 -2.895  1.00 1.04 ? 24 DG  B H22    1 
HETATM 758 C C4     . BDR C 2 .  ? -5.564  10.551  -7.670  1.00 0.99 ? 25 BDR A C4     1 
HETATM 759 O O4     . BDR C 2 .  ? -4.509  9.607   -7.864  1.00 0.93 ? 25 BDR A O4     1 
HETATM 760 C C1     . BDR C 2 .  ? -5.040  8.304   -7.647  1.00 0.88 ? 25 BDR A C1     1 
HETATM 761 C C2     . BDR C 2 .  ? -6.542  8.385   -7.914  1.00 0.97 ? 25 BDR A C2     1 
HETATM 762 O O2     . BDR C 2 .  ? -6.831  8.198   -9.307  1.00 1.11 ? 25 BDR A O2     1 
HETATM 763 C C3     . BDR C 2 .  ? -6.884  9.805   -7.459  1.00 1.00 ? 25 BDR A C3     1 
HETATM 764 O O3     . BDR C 2 .  ? -7.944  10.365  -8.249  1.00 1.17 ? 25 BDR A O3     1 
HETATM 765 C C5     . BDR C 2 .  ? -5.346  11.371  -6.406  1.00 0.97 ? 25 BDR A C5     1 
HETATM 766 O O5     . BDR C 2 .  ? -5.212  10.545  -5.234  1.00 0.84 ? 25 BDR A O5     1 
HETATM 767 H H4     . BDR C 2 .  ? -5.644  11.213  -8.533  1.00 1.11 ? 25 BDR A H4     1 
HETATM 768 H H1     . BDR C 2 .  ? -4.595  7.596   -8.348  1.00 0.91 ? 25 BDR A H1     1 
HETATM 769 H H2     . BDR C 2 .  ? -7.072  7.649   -7.302  1.00 0.97 ? 25 BDR A H2     1 
HETATM 770 H HO2    . BDR C 2 .  ? -6.496  7.332   -9.555  1.00 1.52 ? 25 BDR A HO2    1 
HETATM 771 H H3     . BDR C 2 .  ? -7.148  9.802   -6.401  1.00 0.96 ? 25 BDR A H3     1 
HETATM 772 H HO3    . BDR C 2 .  ? -7.828  10.041  -9.148  1.00 1.38 ? 25 BDR A HO3    1 
HETATM 773 H H51    . BDR C 2 .  ? -6.190  12.061  -6.254  1.00 1.06 ? 25 BDR A H51    1 
HETATM 774 H H52    . BDR C 2 .  ? -4.436  11.936  -6.552  1.00 1.03 ? 25 BDR A H52    1 
HETATM 775 C C4     . BDR D 2 .  ? 0.128   -1.460  -14.115 1.00 0.88 ? 26 BDR B C4     1 
HETATM 776 O O4     . BDR D 2 .  ? -0.687  -0.784  -13.159 1.00 0.81 ? 26 BDR B O4     1 
HETATM 777 C C1     . BDR D 2 .  ? 0.146   0.098   -12.411 1.00 0.74 ? 26 BDR B C1     1 
HETATM 778 C C2     . BDR D 2 .  ? 1.364   0.411   -13.278 1.00 0.82 ? 26 BDR B C2     1 
HETATM 779 O O2     . BDR D 2 .  ? 1.116   1.535   -14.136 1.00 0.93 ? 26 BDR B O2     1 
HETATM 780 C C3     . BDR D 2 .  ? 1.545   -0.880  -14.081 1.00 0.88 ? 26 BDR B C3     1 
HETATM 781 O O3     . BDR D 2 .  ? 2.037   -0.607  -15.401 1.00 1.03 ? 26 BDR B O3     1 
HETATM 782 C C5     . BDR D 2 .  ? 0.276   -2.939  -13.773 1.00 0.90 ? 26 BDR B C5     1 
HETATM 783 O O5     . BDR D 2 .  ? 0.798   -3.148  -12.446 1.00 0.79 ? 26 BDR B O5     1 
HETATM 784 H H4     . BDR D 2 .  ? -0.292  -1.353  -15.116 1.00 0.97 ? 26 BDR B H4     1 
HETATM 785 H H1     . BDR D 2 .  ? -0.387  1.029   -12.203 1.00 0.77 ? 26 BDR B H1     1 
HETATM 786 H H2     . BDR D 2 .  ? 2.238   0.590   -12.644 1.00 0.82 ? 26 BDR B H2     1 
HETATM 787 H HO2    . BDR D 2 .  ? 0.913   2.284   -13.572 1.00 1.23 ? 26 BDR B HO2    1 
HETATM 788 H H3     . BDR D 2 .  ? 2.215   -1.558  -13.549 1.00 0.86 ? 26 BDR B H3     1 
HETATM 789 H HO3    . BDR D 2 .  ? 1.605   0.196   -15.704 1.00 1.18 ? 26 BDR B HO3    1 
HETATM 790 H H51    . BDR D 2 .  ? 0.946   -3.427  -14.495 1.00 1.00 ? 26 BDR B H51    1 
HETATM 791 H H52    . BDR D 2 .  ? -0.711  -3.374  -13.842 1.00 0.96 ? 26 BDR B H52    1 
# 
